data_5BWJ
#
_entry.id   5BWJ
#
_cell.length_a   58.300
_cell.length_b   62.853
_cell.length_c   111.808
_cell.angle_alpha   90.000
_cell.angle_beta   101.320
_cell.angle_gamma   90.000
#
_symmetry.space_group_name_H-M   'P 1 21 1'
#
loop_
_entity.id
_entity.type
_entity.pdbx_description
1 polymer 'Sensory transduction histidine kinase, putative'
2 non-polymer 'NITRATE ION'
3 non-polymer 'MAGNESIUM ION'
4 water water
#
_entity_poly.entity_id   1
_entity_poly.type   'polypeptide(L)'
_entity_poly.pdbx_seq_one_letter_code
;NLFSKDIFKFKLVDQFFPFYYKNNKGEYEGLIFSILDKWAKDNNADIMVEHIDNLNESEIEDEAIYLGLTYNVKLNDFFY
FKSELARSISILFFKNSNKKYKNTHSTFLSNFNIGVIKNTIYEDILRLKNVNTIFLADNSQELVLALKNDKVDYIYGDCK
TLHYIANNFLSEDLVIFTGDVFYSIKNRVAISRNAPEIVKNLNLDLFSYLMKMPEELVFSFLDSNAK
;
_entity_poly.pdbx_strand_id   A,B,C,D
#
loop_
_chem_comp.id
_chem_comp.type
_chem_comp.name
_chem_comp.formula
MG non-polymer 'MAGNESIUM ION' 'Mg 2'
NO3 non-polymer 'NITRATE ION' 'N O3 -1'
#
# COMPACT_ATOMS: atom_id res chain seq x y z
N LYS A 5 4.54 19.79 28.77
CA LYS A 5 4.19 21.01 28.06
C LYS A 5 2.97 20.79 27.16
N ASP A 6 3.22 20.25 25.96
CA ASP A 6 2.13 19.95 25.04
C ASP A 6 1.24 18.85 25.59
N ILE A 7 -0.02 18.86 25.19
CA ILE A 7 -0.98 17.85 25.58
C ILE A 7 -1.67 17.28 24.35
N PHE A 8 -1.53 15.97 24.14
CA PHE A 8 -2.12 15.32 22.98
C PHE A 8 -3.23 14.35 23.39
N LYS A 9 -4.32 14.36 22.64
CA LYS A 9 -5.46 13.51 22.92
C LYS A 9 -5.38 12.20 22.13
N PHE A 10 -5.49 11.08 22.84
CA PHE A 10 -5.58 9.76 22.22
C PHE A 10 -6.98 9.20 22.41
N LYS A 11 -7.52 8.60 21.37
CA LYS A 11 -8.84 7.98 21.43
C LYS A 11 -8.75 6.48 21.15
N LEU A 12 -9.16 5.69 22.13
CA LEU A 12 -9.21 4.24 22.00
C LEU A 12 -10.61 3.82 21.55
N VAL A 13 -10.68 3.15 20.40
CA VAL A 13 -11.97 2.79 19.83
C VAL A 13 -12.34 1.33 20.13
N ASP A 14 -13.50 1.16 20.76
CA ASP A 14 -14.06 -0.16 21.05
C ASP A 14 -13.10 -0.99 21.94
N GLN A 15 -12.70 -2.17 21.47
CA GLN A 15 -11.81 -3.04 22.24
C GLN A 15 -10.78 -3.65 21.31
N PHE A 16 -9.60 -3.92 21.86
CA PHE A 16 -8.46 -4.36 21.06
C PHE A 16 -7.44 -5.06 21.94
N PHE A 17 -7.64 -6.36 22.15
CA PHE A 17 -6.73 -7.15 22.96
C PHE A 17 -5.37 -7.26 22.26
N PRO A 18 -4.26 -7.13 23.01
CA PRO A 18 -4.13 -6.91 24.45
C PRO A 18 -4.00 -5.44 24.83
N PHE A 19 -4.11 -4.54 23.86
CA PHE A 19 -3.82 -3.13 24.10
C PHE A 19 -4.83 -2.47 25.04
N TYR A 20 -6.11 -2.75 24.83
CA TYR A 20 -7.13 -2.31 25.76
C TYR A 20 -8.39 -3.15 25.61
N TYR A 21 -8.96 -3.56 26.73
CA TYR A 21 -10.15 -4.40 26.73
C TYR A 21 -10.77 -4.44 28.12
N LYS A 22 -11.96 -5.01 28.20
CA LYS A 22 -12.69 -5.15 29.46
C LYS A 22 -12.78 -6.62 29.84
N ASN A 23 -12.31 -6.98 31.02
CA ASN A 23 -12.23 -8.39 31.38
C ASN A 23 -13.56 -8.93 31.94
N ASN A 24 -13.55 -10.21 32.28
CA ASN A 24 -14.75 -10.90 32.76
C ASN A 24 -15.37 -10.21 33.96
N LYS A 25 -14.54 -9.63 34.82
CA LYS A 25 -15.00 -8.97 36.04
C LYS A 25 -15.43 -7.53 35.78
N GLY A 26 -15.34 -7.09 34.54
CA GLY A 26 -15.76 -5.74 34.17
C GLY A 26 -14.71 -4.70 34.49
N GLU A 27 -13.45 -5.12 34.52
CA GLU A 27 -12.34 -4.22 34.79
C GLU A 27 -11.61 -3.89 33.50
N TYR A 28 -11.28 -2.60 33.31
CA TYR A 28 -10.55 -2.19 32.13
C TYR A 28 -9.10 -2.63 32.23
N GLU A 29 -8.63 -3.32 31.20
CA GLU A 29 -7.30 -3.90 31.16
C GLU A 29 -6.58 -3.43 29.90
N GLY A 30 -5.27 -3.68 29.85
CA GLY A 30 -4.49 -3.39 28.67
C GLY A 30 -3.11 -2.83 28.97
N LEU A 31 -2.23 -2.87 27.98
CA LEU A 31 -0.86 -2.37 28.14
C LEU A 31 -0.66 -1.09 27.32
N ILE A 32 -1.74 -0.53 26.78
CA ILE A 32 -1.63 0.62 25.90
C ILE A 32 -1.09 1.84 26.65
N PHE A 33 -1.49 2.00 27.91
CA PHE A 33 -1.03 3.13 28.70
C PHE A 33 0.48 3.06 28.91
N SER A 34 1.00 1.85 29.07
CA SER A 34 2.44 1.65 29.21
C SER A 34 3.16 2.17 27.98
N ILE A 35 2.58 1.91 26.81
CA ILE A 35 3.16 2.39 25.56
C ILE A 35 2.99 3.91 25.44
N LEU A 36 1.79 4.39 25.72
CA LEU A 36 1.51 5.81 25.59
C LEU A 36 2.35 6.66 26.55
N ASP A 37 2.61 6.14 27.75
CA ASP A 37 3.45 6.84 28.72
C ASP A 37 4.86 7.00 28.18
N LYS A 38 5.38 5.95 27.56
CA LYS A 38 6.72 5.99 27.00
C LYS A 38 6.77 6.92 25.80
N TRP A 39 5.71 6.92 24.99
CA TRP A 39 5.63 7.82 23.85
C TRP A 39 5.59 9.26 24.34
N ALA A 40 4.84 9.50 25.41
CA ALA A 40 4.69 10.83 25.98
C ALA A 40 6.03 11.39 26.45
N LYS A 41 6.81 10.58 27.17
CA LYS A 41 8.10 11.03 27.68
C LYS A 41 9.05 11.40 26.54
N ASP A 42 9.06 10.58 25.50
CA ASP A 42 9.93 10.82 24.35
C ASP A 42 9.55 12.11 23.64
N ASN A 43 8.28 12.50 23.72
CA ASN A 43 7.78 13.70 23.07
C ASN A 43 7.62 14.87 24.03
N ASN A 44 8.04 14.67 25.28
CA ASN A 44 7.99 15.72 26.30
C ASN A 44 6.60 16.33 26.38
N ALA A 45 5.60 15.48 26.55
CA ALA A 45 4.21 15.93 26.54
C ALA A 45 3.38 15.14 27.54
N ASP A 46 2.20 15.66 27.85
CA ASP A 46 1.20 14.95 28.62
C ASP A 46 0.17 14.38 27.65
N ILE A 47 -0.71 13.51 28.15
CA ILE A 47 -1.72 12.90 27.31
C ILE A 47 -3.10 12.89 27.98
N MET A 48 -4.12 12.94 27.13
CA MET A 48 -5.50 12.72 27.54
C MET A 48 -6.03 11.51 26.77
N VAL A 49 -6.57 10.54 27.49
CA VAL A 49 -7.11 9.34 26.86
C VAL A 49 -8.63 9.32 26.94
N GLU A 50 -9.26 9.16 25.78
CA GLU A 50 -10.71 9.02 25.70
C GLU A 50 -11.04 7.66 25.11
N HIS A 51 -12.04 6.98 25.69
CA HIS A 51 -12.51 5.73 25.12
C HIS A 51 -13.86 5.95 24.46
N ILE A 52 -14.01 5.39 23.26
CA ILE A 52 -15.25 5.49 22.50
C ILE A 52 -15.66 4.11 22.01
N ASP A 53 -16.93 3.77 22.18
CA ASP A 53 -17.45 2.50 21.70
C ASP A 53 -17.49 2.47 20.18
N ASN A 54 -18.15 3.46 19.59
CA ASN A 54 -18.33 3.54 18.15
C ASN A 54 -17.94 4.90 17.60
N LEU A 55 -17.30 4.90 16.44
CA LEU A 55 -16.88 6.14 15.78
C LEU A 55 -18.00 6.72 14.93
N ASN A 56 -18.06 8.05 14.89
CA ASN A 56 -18.98 8.78 14.03
C ASN A 56 -18.26 9.91 13.31
N GLU A 57 -18.47 10.00 12.00
CA GLU A 57 -17.77 10.98 11.18
C GLU A 57 -18.04 12.42 11.62
N SER A 58 -19.19 12.63 12.26
CA SER A 58 -19.60 13.97 12.70
C SER A 58 -18.94 14.37 14.02
N GLU A 59 -18.41 13.38 14.75
CA GLU A 59 -17.84 13.63 16.06
C GLU A 59 -16.31 13.53 16.05
N ILE A 60 -15.72 13.54 14.86
CA ILE A 60 -14.27 13.45 14.73
C ILE A 60 -13.59 14.71 15.29
N GLU A 61 -12.60 14.51 16.14
CA GLU A 61 -11.80 15.61 16.69
C GLU A 61 -10.50 15.71 15.91
N ASP A 62 -10.29 16.85 15.24
CA ASP A 62 -9.18 16.98 14.30
C ASP A 62 -7.81 16.85 14.96
N GLU A 63 -7.72 17.20 16.24
CA GLU A 63 -6.45 17.17 16.95
C GLU A 63 -6.17 15.83 17.62
N ALA A 64 -7.15 14.94 17.64
CA ALA A 64 -7.01 13.68 18.37
C ALA A 64 -6.38 12.56 17.55
N ILE A 65 -5.65 11.68 18.22
CA ILE A 65 -5.01 10.53 17.61
C ILE A 65 -5.82 9.26 17.92
N TYR A 66 -6.29 8.60 16.88
CA TYR A 66 -7.21 7.47 17.03
C TYR A 66 -6.51 6.11 16.96
N LEU A 67 -6.82 5.25 17.94
CA LEU A 67 -6.32 3.87 17.96
C LEU A 67 -7.50 2.90 17.88
N GLY A 68 -7.34 1.84 17.09
CA GLY A 68 -8.34 0.79 17.00
C GLY A 68 -9.28 0.91 15.82
N LEU A 69 -8.95 1.80 14.89
CA LEU A 69 -9.69 1.92 13.65
C LEU A 69 -9.03 1.05 12.59
N THR A 70 -9.83 0.54 11.67
CA THR A 70 -9.32 -0.21 10.52
C THR A 70 -9.73 0.51 9.24
N TYR A 71 -9.05 0.21 8.15
CA TYR A 71 -9.35 0.88 6.89
C TYR A 71 -10.79 0.62 6.47
N ASN A 72 -11.51 1.70 6.20
CA ASN A 72 -12.91 1.62 5.81
C ASN A 72 -13.22 2.71 4.79
N VAL A 73 -13.95 2.35 3.75
CA VAL A 73 -14.24 3.28 2.65
C VAL A 73 -14.89 4.57 3.15
N LYS A 74 -15.72 4.45 4.18
CA LYS A 74 -16.39 5.62 4.74
C LYS A 74 -15.42 6.47 5.55
N LEU A 75 -14.57 5.83 6.34
CA LEU A 75 -13.64 6.54 7.21
C LEU A 75 -12.45 7.11 6.44
N ASN A 76 -12.14 6.52 5.29
CA ASN A 76 -10.98 6.95 4.51
C ASN A 76 -11.08 8.41 4.07
N ASP A 77 -12.32 8.92 4.00
CA ASP A 77 -12.55 10.31 3.61
C ASP A 77 -12.14 11.28 4.71
N PHE A 78 -12.00 10.78 5.94
CA PHE A 78 -11.79 11.65 7.10
C PHE A 78 -10.43 11.44 7.77
N PHE A 79 -9.82 10.28 7.57
CA PHE A 79 -8.61 9.89 8.29
C PHE A 79 -7.42 9.60 7.39
N TYR A 80 -6.23 9.87 7.93
CA TYR A 80 -4.98 9.32 7.43
C TYR A 80 -4.57 8.16 8.33
N PHE A 81 -4.33 6.99 7.75
CA PHE A 81 -3.82 5.85 8.51
C PHE A 81 -2.30 5.79 8.41
N LYS A 82 -1.63 5.76 9.55
CA LYS A 82 -0.17 5.76 9.59
C LYS A 82 0.40 4.45 10.14
N SER A 83 1.15 4.51 11.24
CA SER A 83 1.91 3.36 11.73
C SER A 83 1.03 2.20 12.15
N GLU A 84 1.56 0.99 11.99
CA GLU A 84 0.87 -0.23 12.36
C GLU A 84 1.06 -0.57 13.83
N LEU A 85 -0.03 -0.91 14.51
CA LEU A 85 0.05 -1.65 15.76
C LEU A 85 0.08 -3.13 15.39
N ALA A 86 -0.39 -4.00 16.28
CA ALA A 86 -0.43 -5.43 15.98
C ALA A 86 -1.39 -5.70 14.83
N ARG A 87 -1.10 -6.75 14.06
CA ARG A 87 -2.00 -7.18 12.98
C ARG A 87 -3.04 -8.16 13.53
N SER A 88 -4.14 -8.29 12.81
CA SER A 88 -5.20 -9.23 13.17
C SER A 88 -5.57 -10.08 11.96
N ILE A 89 -6.39 -11.10 12.20
CA ILE A 89 -6.94 -11.91 11.13
C ILE A 89 -8.46 -11.92 11.25
N SER A 90 -9.13 -11.67 10.13
CA SER A 90 -10.58 -11.68 10.09
C SER A 90 -11.10 -13.11 10.19
N ILE A 91 -12.04 -13.34 11.09
CA ILE A 91 -12.64 -14.66 11.28
C ILE A 91 -14.15 -14.55 11.36
N LEU A 92 -14.83 -15.51 10.73
CA LEU A 92 -16.27 -15.65 10.83
C LEU A 92 -16.59 -16.73 11.87
N PHE A 93 -17.26 -16.33 12.95
CA PHE A 93 -17.61 -17.25 14.04
C PHE A 93 -19.10 -17.58 14.05
N PHE A 94 -19.43 -18.78 14.52
CA PHE A 94 -20.81 -19.12 14.86
C PHE A 94 -20.81 -19.98 16.12
N LYS A 95 -21.97 -20.14 16.73
CA LYS A 95 -22.09 -20.89 17.97
C LYS A 95 -22.09 -22.40 17.71
N ASN A 96 -21.44 -23.13 18.60
CA ASN A 96 -21.42 -24.59 18.54
C ASN A 96 -22.76 -25.17 18.99
N SER A 110 -29.64 -22.68 2.37
CA SER A 110 -30.20 -22.10 3.59
C SER A 110 -29.95 -20.60 3.64
N ASN A 111 -30.75 -19.90 4.44
CA ASN A 111 -30.64 -18.45 4.60
C ASN A 111 -30.02 -18.08 5.94
N PHE A 112 -29.34 -16.95 5.98
CA PHE A 112 -28.58 -16.54 7.16
C PHE A 112 -28.39 -15.03 7.20
N ASN A 113 -27.85 -14.55 8.32
CA ASN A 113 -27.41 -13.17 8.44
C ASN A 113 -26.14 -13.09 9.26
N ILE A 114 -25.29 -12.11 8.94
CA ILE A 114 -23.97 -11.98 9.55
C ILE A 114 -23.85 -10.66 10.29
N GLY A 115 -23.41 -10.74 11.54
CA GLY A 115 -23.17 -9.56 12.34
C GLY A 115 -21.77 -9.03 12.10
N VAL A 116 -21.63 -7.70 12.11
CA VAL A 116 -20.33 -7.07 11.94
C VAL A 116 -20.37 -5.66 12.53
N ILE A 117 -19.22 -5.18 13.01
CA ILE A 117 -19.13 -3.83 13.54
C ILE A 117 -19.09 -2.81 12.39
N LYS A 118 -19.96 -1.82 12.47
CA LYS A 118 -20.09 -0.83 11.40
C LYS A 118 -18.83 0.03 11.26
N ASN A 119 -18.60 0.53 10.06
CA ASN A 119 -17.46 1.40 9.76
C ASN A 119 -16.11 0.77 10.06
N THR A 120 -16.02 -0.55 9.85
CA THR A 120 -14.76 -1.27 9.98
C THR A 120 -14.39 -1.90 8.65
N ILE A 121 -13.15 -2.38 8.54
CA ILE A 121 -12.73 -3.08 7.34
C ILE A 121 -13.53 -4.37 7.16
N TYR A 122 -14.02 -4.91 8.27
CA TYR A 122 -14.80 -6.14 8.26
C TYR A 122 -16.15 -5.95 7.56
N GLU A 123 -16.74 -4.75 7.74
CA GLU A 123 -17.97 -4.42 7.04
C GLU A 123 -17.73 -4.36 5.54
N ASP A 124 -16.68 -3.65 5.14
CA ASP A 124 -16.35 -3.51 3.73
C ASP A 124 -16.09 -4.85 3.06
N ILE A 125 -15.43 -5.77 3.77
CA ILE A 125 -15.15 -7.09 3.24
C ILE A 125 -16.46 -7.81 2.93
N LEU A 126 -17.40 -7.78 3.87
CA LEU A 126 -18.70 -8.41 3.67
C LEU A 126 -19.47 -7.74 2.54
N ARG A 127 -19.31 -6.42 2.41
CA ARG A 127 -20.02 -5.67 1.38
CA ARG A 127 -20.01 -5.66 1.38
C ARG A 127 -19.50 -6.00 -0.02
N LEU A 128 -18.18 -6.12 -0.17
CA LEU A 128 -17.61 -6.43 -1.48
C LEU A 128 -17.79 -7.91 -1.83
N LYS A 129 -18.09 -8.72 -0.82
CA LYS A 129 -18.45 -10.12 -1.04
C LYS A 129 -19.94 -10.25 -1.35
N ASN A 130 -20.62 -9.11 -1.46
CA ASN A 130 -22.04 -9.07 -1.79
C ASN A 130 -22.93 -9.77 -0.76
N VAL A 131 -22.45 -9.85 0.48
CA VAL A 131 -23.29 -10.29 1.58
C VAL A 131 -24.32 -9.20 1.85
N ASN A 132 -25.60 -9.54 1.68
CA ASN A 132 -26.67 -8.56 1.79
C ASN A 132 -27.46 -8.66 3.08
N THR A 133 -27.22 -9.74 3.84
CA THR A 133 -27.84 -9.92 5.14
C THR A 133 -26.87 -9.51 6.25
N ILE A 134 -26.36 -8.29 6.14
CA ILE A 134 -25.41 -7.77 7.10
C ILE A 134 -26.13 -7.07 8.26
N PHE A 135 -25.87 -7.55 9.47
CA PHE A 135 -26.35 -6.90 10.68
C PHE A 135 -25.25 -6.01 11.25
N LEU A 136 -25.52 -4.72 11.36
CA LEU A 136 -24.51 -3.76 11.82
C LEU A 136 -24.58 -3.54 13.33
N ALA A 137 -23.47 -3.82 14.00
CA ALA A 137 -23.35 -3.57 15.43
C ALA A 137 -22.49 -2.33 15.67
N ASP A 138 -22.69 -1.68 16.80
CA ASP A 138 -21.92 -0.48 17.13
C ASP A 138 -20.56 -0.83 17.72
N ASN A 139 -20.48 -1.99 18.39
CA ASN A 139 -19.26 -2.39 19.07
C ASN A 139 -19.17 -3.91 19.24
N SER A 140 -18.06 -4.37 19.79
CA SER A 140 -17.80 -5.79 19.95
C SER A 140 -18.78 -6.48 20.89
N GLN A 141 -19.09 -5.84 22.02
CA GLN A 141 -20.03 -6.41 22.97
C GLN A 141 -21.42 -6.56 22.36
N GLU A 142 -21.88 -5.53 21.68
CA GLU A 142 -23.19 -5.57 21.04
C GLU A 142 -23.23 -6.67 19.99
N LEU A 143 -22.13 -6.83 19.27
CA LEU A 143 -22.04 -7.83 18.22
C LEU A 143 -22.13 -9.25 18.80
N VAL A 144 -21.44 -9.46 19.91
CA VAL A 144 -21.44 -10.76 20.57
C VAL A 144 -22.82 -11.09 21.15
N LEU A 145 -23.48 -10.09 21.70
CA LEU A 145 -24.81 -10.29 22.28
C LEU A 145 -25.84 -10.57 21.18
N ALA A 146 -25.60 -10.02 20.00
CA ALA A 146 -26.46 -10.30 18.85
C ALA A 146 -26.40 -11.79 18.51
N LEU A 147 -25.20 -12.35 18.58
CA LEU A 147 -25.02 -13.78 18.33
C LEU A 147 -25.66 -14.60 19.44
N LYS A 148 -25.52 -14.13 20.68
CA LYS A 148 -26.10 -14.82 21.84
C LYS A 148 -27.59 -14.99 21.70
N ASN A 149 -28.27 -13.89 21.38
CA ASN A 149 -29.72 -13.86 21.31
C ASN A 149 -30.24 -14.28 19.94
N ASP A 150 -29.37 -14.91 19.14
CA ASP A 150 -29.73 -15.44 17.84
C ASP A 150 -30.31 -14.39 16.89
N LYS A 151 -29.86 -13.15 17.04
CA LYS A 151 -30.22 -12.08 16.11
C LYS A 151 -29.43 -12.26 14.82
N VAL A 152 -28.24 -12.84 14.96
CA VAL A 152 -27.39 -13.20 13.83
C VAL A 152 -26.93 -14.64 13.96
N ASP A 153 -26.64 -15.27 12.83
CA ASP A 153 -26.15 -16.65 12.79
C ASP A 153 -24.63 -16.69 12.86
N TYR A 154 -23.99 -15.67 12.28
CA TYR A 154 -22.54 -15.54 12.31
C TYR A 154 -22.12 -14.15 12.75
N ILE A 155 -20.91 -14.04 13.28
CA ILE A 155 -20.27 -12.74 13.49
C ILE A 155 -18.92 -12.73 12.81
N TYR A 156 -18.54 -11.57 12.28
CA TYR A 156 -17.31 -11.41 11.51
C TYR A 156 -16.48 -10.27 12.11
N GLY A 157 -15.22 -10.56 12.42
CA GLY A 157 -14.35 -9.53 12.98
C GLY A 157 -13.00 -10.03 13.48
N ASP A 158 -12.45 -9.28 14.44
CA ASP A 158 -11.14 -9.56 15.00
C ASP A 158 -11.06 -10.96 15.62
N CYS A 159 -9.99 -11.69 15.29
CA CYS A 159 -9.83 -13.07 15.74
C CYS A 159 -9.87 -13.20 17.27
N LYS A 160 -9.00 -12.49 17.96
CA LYS A 160 -8.87 -12.67 19.41
C LYS A 160 -9.91 -11.90 20.22
N THR A 161 -10.15 -10.64 19.86
CA THR A 161 -11.02 -9.78 20.65
C THR A 161 -12.46 -10.29 20.67
N LEU A 162 -13.00 -10.67 19.52
CA LEU A 162 -14.36 -11.19 19.48
C LEU A 162 -14.47 -12.53 20.18
N HIS A 163 -13.47 -13.39 20.00
CA HIS A 163 -13.48 -14.70 20.64
C HIS A 163 -13.47 -14.50 22.15
N TYR A 164 -12.65 -13.57 22.61
CA TYR A 164 -12.53 -13.28 24.03
C TYR A 164 -13.84 -12.78 24.65
N ILE A 165 -14.41 -11.74 24.05
CA ILE A 165 -15.66 -11.18 24.56
C ILE A 165 -16.78 -12.22 24.49
N ALA A 166 -16.77 -13.03 23.44
CA ALA A 166 -17.77 -14.09 23.27
C ALA A 166 -17.74 -15.07 24.43
N ASN A 167 -16.53 -15.47 24.84
CA ASN A 167 -16.38 -16.43 25.91
C ASN A 167 -16.82 -15.84 27.27
N ASN A 168 -16.94 -14.53 27.32
CA ASN A 168 -17.36 -13.83 28.54
C ASN A 168 -18.87 -13.72 28.66
N PHE A 169 -19.57 -13.82 27.53
CA PHE A 169 -21.02 -13.63 27.51
C PHE A 169 -21.79 -14.88 27.06
N LEU A 170 -21.15 -15.73 26.26
CA LEU A 170 -21.81 -16.91 25.71
C LEU A 170 -21.54 -18.16 26.52
N SER A 171 -22.53 -19.05 26.58
CA SER A 171 -22.38 -20.34 27.22
C SER A 171 -21.90 -21.39 26.22
N GLU A 172 -22.20 -21.15 24.95
CA GLU A 172 -21.78 -22.04 23.87
C GLU A 172 -20.39 -21.64 23.36
N ASP A 173 -19.64 -22.63 22.89
CA ASP A 173 -18.32 -22.37 22.31
C ASP A 173 -18.46 -21.79 20.91
N LEU A 174 -17.52 -20.94 20.53
CA LEU A 174 -17.43 -20.43 19.18
C LEU A 174 -16.74 -21.42 18.26
N VAL A 175 -17.22 -21.50 17.02
CA VAL A 175 -16.62 -22.33 16.00
C VAL A 175 -16.20 -21.45 14.83
N ILE A 176 -15.06 -21.76 14.21
CA ILE A 176 -14.59 -21.03 13.04
C ILE A 176 -15.22 -21.59 11.77
N PHE A 177 -15.77 -20.70 10.96
CA PHE A 177 -16.27 -21.06 9.64
C PHE A 177 -15.09 -21.18 8.67
N THR A 178 -14.82 -22.40 8.23
CA THR A 178 -13.69 -22.65 7.33
C THR A 178 -14.07 -22.38 5.88
N GLY A 179 -13.87 -21.13 5.47
CA GLY A 179 -14.11 -20.72 4.10
C GLY A 179 -13.14 -19.62 3.71
N ASP A 180 -13.36 -19.03 2.54
CA ASP A 180 -12.48 -17.95 2.07
C ASP A 180 -12.89 -16.62 2.70
N VAL A 181 -12.69 -16.52 4.00
CA VAL A 181 -13.07 -15.33 4.77
C VAL A 181 -11.91 -14.80 5.59
N PHE A 182 -10.75 -15.43 5.47
CA PHE A 182 -9.59 -15.06 6.27
C PHE A 182 -8.72 -14.05 5.54
N TYR A 183 -8.56 -12.88 6.15
CA TYR A 183 -7.72 -11.83 5.60
C TYR A 183 -6.81 -11.26 6.68
N SER A 184 -5.60 -10.89 6.28
CA SER A 184 -4.67 -10.21 7.19
C SER A 184 -5.12 -8.75 7.35
N ILE A 185 -5.39 -8.35 8.58
CA ILE A 185 -5.91 -7.02 8.88
C ILE A 185 -4.88 -6.17 9.61
N LYS A 186 -4.62 -4.98 9.09
CA LYS A 186 -3.72 -4.04 9.76
C LYS A 186 -4.50 -3.13 10.70
N ASN A 187 -4.07 -3.11 11.96
CA ASN A 187 -4.59 -2.16 12.93
C ASN A 187 -3.60 -1.01 13.07
N ARG A 188 -3.97 0.13 12.52
CA ARG A 188 -3.05 1.26 12.38
C ARG A 188 -3.46 2.43 13.26
N VAL A 189 -2.52 3.33 13.49
CA VAL A 189 -2.80 4.59 14.17
C VAL A 189 -3.39 5.54 13.12
N ALA A 190 -4.38 6.34 13.52
CA ALA A 190 -5.08 7.22 12.59
C ALA A 190 -5.19 8.65 13.11
N ILE A 191 -5.02 9.61 12.20
CA ILE A 191 -5.23 11.02 12.51
C ILE A 191 -6.19 11.64 11.49
N SER A 192 -6.85 12.72 11.89
CA SER A 192 -7.75 13.42 10.98
C SER A 192 -6.99 14.03 9.82
N ARG A 193 -7.60 14.01 8.63
CA ARG A 193 -7.01 14.66 7.47
C ARG A 193 -6.92 16.17 7.69
N ASN A 194 -7.74 16.69 8.60
CA ASN A 194 -7.71 18.11 8.95
C ASN A 194 -6.94 18.36 10.25
N ALA A 195 -6.07 17.43 10.60
CA ALA A 195 -5.26 17.56 11.81
C ALA A 195 -4.30 18.74 11.69
N PRO A 196 -3.99 19.40 12.81
CA PRO A 196 -2.97 20.46 12.78
C PRO A 196 -1.64 19.91 12.31
N GLU A 197 -0.77 20.78 11.81
CA GLU A 197 0.52 20.34 11.28
C GLU A 197 1.37 19.68 12.35
N ILE A 198 1.24 20.12 13.59
CA ILE A 198 2.02 19.57 14.69
C ILE A 198 1.66 18.10 14.94
N VAL A 199 0.38 17.76 14.81
CA VAL A 199 -0.05 16.38 14.94
C VAL A 199 0.47 15.57 13.74
N LYS A 200 0.35 16.15 12.55
CA LYS A 200 0.77 15.46 11.34
C LYS A 200 2.27 15.16 11.33
N ASN A 201 3.04 15.97 12.05
CA ASN A 201 4.49 15.77 12.12
C ASN A 201 4.92 14.82 13.25
N LEU A 202 3.98 14.42 14.11
CA LEU A 202 4.29 13.50 15.19
C LEU A 202 4.76 12.15 14.67
N ASN A 203 5.78 11.60 15.32
CA ASN A 203 6.13 10.20 15.13
C ASN A 203 5.17 9.36 15.96
N LEU A 204 4.25 8.67 15.29
CA LEU A 204 3.22 7.89 15.97
C LEU A 204 3.44 6.39 15.79
N ASP A 205 4.69 5.99 15.58
CA ASP A 205 5.04 4.59 15.47
C ASP A 205 5.11 3.97 16.87
N LEU A 206 3.94 3.78 17.47
CA LEU A 206 3.84 3.23 18.82
C LEU A 206 4.42 1.83 18.91
N PHE A 207 4.35 1.09 17.79
CA PHE A 207 4.84 -0.28 17.75
C PHE A 207 6.36 -0.34 17.93
N SER A 208 7.04 0.78 17.73
CA SER A 208 8.49 0.83 17.88
C SER A 208 8.90 0.69 19.34
N TYR A 209 7.96 0.90 20.25
CA TYR A 209 8.22 0.75 21.68
C TYR A 209 8.10 -0.71 22.09
N LEU A 210 7.99 -1.59 21.10
CA LEU A 210 8.08 -3.03 21.30
C LEU A 210 9.35 -3.54 20.61
N MET A 211 10.47 -3.53 21.34
CA MET A 211 11.76 -3.89 20.77
C MET A 211 11.79 -5.35 20.36
N LYS A 212 12.69 -5.68 19.44
CA LYS A 212 12.82 -7.05 18.93
C LYS A 212 14.27 -7.38 18.64
N SER B 4 4.20 -36.12 -11.50
CA SER B 4 3.83 -36.75 -10.23
C SER B 4 3.60 -35.71 -9.15
N LYS B 5 2.40 -35.73 -8.56
CA LYS B 5 2.06 -34.80 -7.49
C LYS B 5 2.79 -35.18 -6.20
N ASP B 6 3.57 -34.23 -5.67
CA ASP B 6 4.34 -34.46 -4.46
C ASP B 6 3.45 -34.41 -3.22
N ILE B 7 3.93 -35.01 -2.13
CA ILE B 7 3.23 -34.99 -0.86
C ILE B 7 4.17 -34.49 0.24
N PHE B 8 3.69 -33.54 1.04
CA PHE B 8 4.51 -32.93 2.08
C PHE B 8 3.84 -32.99 3.45
N LYS B 9 4.64 -33.21 4.48
CA LYS B 9 4.14 -33.32 5.85
C LYS B 9 4.36 -32.03 6.61
N PHE B 10 3.29 -31.50 7.19
CA PHE B 10 3.36 -30.33 8.05
C PHE B 10 3.14 -30.74 9.51
N LYS B 11 4.10 -30.38 10.37
CA LYS B 11 3.98 -30.66 11.79
C LYS B 11 3.60 -29.40 12.56
N LEU B 12 2.40 -29.39 13.11
CA LEU B 12 1.92 -28.25 13.90
C LEU B 12 2.29 -28.44 15.37
N VAL B 13 3.22 -27.61 15.84
CA VAL B 13 3.77 -27.76 17.18
C VAL B 13 2.96 -26.98 18.21
N ASP B 14 2.61 -27.65 19.31
CA ASP B 14 1.93 -27.02 20.43
C ASP B 14 0.61 -26.38 19.97
N GLN B 15 0.39 -25.12 20.31
CA GLN B 15 -0.81 -24.41 19.89
C GLN B 15 -0.45 -22.98 19.49
N PHE B 16 -1.23 -22.41 18.59
CA PHE B 16 -0.91 -21.13 17.97
C PHE B 16 -2.20 -20.45 17.52
N PHE B 17 -2.88 -19.79 18.47
CA PHE B 17 -4.14 -19.12 18.17
C PHE B 17 -3.91 -17.97 17.19
N PRO B 18 -4.77 -17.82 16.17
CA PRO B 18 -5.94 -18.62 15.78
C PRO B 18 -5.64 -19.64 14.67
N PHE B 19 -4.36 -19.87 14.39
CA PHE B 19 -3.97 -20.77 13.30
C PHE B 19 -4.32 -22.22 13.61
N TYR B 20 -4.03 -22.66 14.83
CA TYR B 20 -4.48 -23.97 15.28
C TYR B 20 -4.43 -24.03 16.81
N TYR B 21 -5.51 -24.56 17.39
CA TYR B 21 -5.61 -24.66 18.84
C TYR B 21 -6.68 -25.66 19.24
N LYS B 22 -6.59 -26.18 20.46
CA LYS B 22 -7.51 -27.20 20.95
C LYS B 22 -8.84 -26.62 21.38
N ASN B 23 -9.93 -27.30 21.02
CA ASN B 23 -11.26 -26.96 21.51
C ASN B 23 -11.69 -27.92 22.62
N ASN B 24 -12.95 -27.82 23.04
CA ASN B 24 -13.46 -28.65 24.14
C ASN B 24 -13.62 -30.12 23.74
N LYS B 25 -13.67 -30.39 22.45
CA LYS B 25 -13.92 -31.74 21.96
C LYS B 25 -12.63 -32.53 21.73
N GLY B 26 -11.51 -31.99 22.23
CA GLY B 26 -10.23 -32.64 22.06
C GLY B 26 -9.69 -32.56 20.64
N GLU B 27 -10.37 -31.78 19.80
CA GLU B 27 -9.97 -31.62 18.41
C GLU B 27 -9.24 -30.30 18.21
N TYR B 28 -8.65 -30.12 17.03
CA TYR B 28 -7.94 -28.89 16.70
C TYR B 28 -8.75 -28.01 15.78
N GLU B 29 -9.10 -26.83 16.26
CA GLU B 29 -9.75 -25.81 15.47
C GLU B 29 -8.70 -24.82 14.98
N GLY B 30 -8.98 -24.16 13.86
CA GLY B 30 -8.07 -23.16 13.33
C GLY B 30 -8.23 -22.91 11.84
N LEU B 31 -7.51 -21.91 11.35
CA LEU B 31 -7.60 -21.49 9.96
C LEU B 31 -6.39 -21.94 9.13
N ILE B 32 -5.41 -22.55 9.78
CA ILE B 32 -4.17 -22.95 9.09
C ILE B 32 -4.47 -24.01 8.03
N PHE B 33 -5.48 -24.84 8.30
CA PHE B 33 -5.81 -25.94 7.40
C PHE B 33 -6.32 -25.39 6.07
N SER B 34 -7.08 -24.32 6.14
CA SER B 34 -7.55 -23.63 4.94
C SER B 34 -6.39 -23.03 4.15
N ILE B 35 -5.43 -22.44 4.86
CA ILE B 35 -4.27 -21.84 4.23
C ILE B 35 -3.40 -22.90 3.54
N LEU B 36 -3.19 -24.02 4.22
CA LEU B 36 -2.34 -25.09 3.69
C LEU B 36 -2.94 -25.73 2.44
N ASP B 37 -4.26 -25.87 2.41
CA ASP B 37 -4.94 -26.39 1.23
C ASP B 37 -4.76 -25.46 0.04
N LYS B 38 -4.76 -24.15 0.30
CA LYS B 38 -4.53 -23.16 -0.75
C LYS B 38 -3.10 -23.24 -1.26
N TRP B 39 -2.15 -23.28 -0.33
CA TRP B 39 -0.74 -23.40 -0.68
C TRP B 39 -0.49 -24.67 -1.49
N ALA B 40 -1.21 -25.73 -1.13
CA ALA B 40 -1.03 -27.03 -1.77
C ALA B 40 -1.43 -26.98 -3.24
N LYS B 41 -2.54 -26.27 -3.50
CA LYS B 41 -3.06 -26.17 -4.85
C LYS B 41 -2.09 -25.47 -5.80
N ASP B 42 -1.50 -24.37 -5.35
CA ASP B 42 -0.58 -23.60 -6.18
C ASP B 42 0.74 -24.33 -6.40
N ASN B 43 1.14 -25.15 -5.43
CA ASN B 43 2.39 -25.90 -5.53
C ASN B 43 2.18 -27.30 -6.10
N ASN B 44 0.97 -27.57 -6.59
CA ASN B 44 0.63 -28.86 -7.17
C ASN B 44 1.08 -30.02 -6.28
N ALA B 45 0.57 -30.04 -5.05
CA ALA B 45 1.01 -31.03 -4.08
C ALA B 45 -0.14 -31.44 -3.15
N ASP B 46 0.06 -32.55 -2.47
CA ASP B 46 -0.83 -32.97 -1.40
C ASP B 46 -0.15 -32.69 -0.07
N ILE B 47 -0.94 -32.59 0.99
CA ILE B 47 -0.40 -32.27 2.31
C ILE B 47 -0.90 -33.22 3.38
N MET B 48 -0.04 -33.42 4.39
CA MET B 48 -0.38 -34.18 5.58
C MET B 48 -0.13 -33.30 6.80
N VAL B 49 -1.14 -33.16 7.64
CA VAL B 49 -1.02 -32.37 8.86
C VAL B 49 -0.97 -33.29 10.07
N GLU B 50 0.01 -33.05 10.93
CA GLU B 50 0.15 -33.81 12.17
C GLU B 50 0.44 -32.88 13.34
N HIS B 51 -0.32 -33.01 14.40
CA HIS B 51 -0.12 -32.21 15.61
C HIS B 51 0.83 -32.90 16.57
N ILE B 52 1.74 -32.12 17.15
CA ILE B 52 2.60 -32.59 18.22
C ILE B 52 2.69 -31.53 19.30
N ASP B 53 2.53 -31.94 20.56
CA ASP B 53 2.59 -31.00 21.68
C ASP B 53 4.01 -30.49 21.88
N ASN B 54 4.96 -31.42 21.91
CA ASN B 54 6.34 -31.11 22.23
C ASN B 54 7.26 -31.30 21.02
N LEU B 55 8.43 -30.68 21.08
CA LEU B 55 9.44 -30.83 20.04
C LEU B 55 10.62 -31.64 20.57
N ASN B 56 10.59 -32.95 20.35
CA ASN B 56 11.65 -33.84 20.81
C ASN B 56 12.73 -34.00 19.75
N GLU B 57 13.98 -33.76 20.13
CA GLU B 57 15.10 -33.82 19.21
C GLU B 57 15.23 -35.18 18.53
N SER B 58 14.85 -36.23 19.26
CA SER B 58 14.95 -37.59 18.76
C SER B 58 13.85 -37.90 17.74
N GLU B 59 12.78 -37.12 17.78
CA GLU B 59 11.61 -37.36 16.93
C GLU B 59 11.54 -36.41 15.74
N ILE B 60 12.55 -35.55 15.59
CA ILE B 60 12.59 -34.60 14.48
C ILE B 60 12.66 -35.32 13.13
N GLU B 61 11.71 -34.98 12.25
CA GLU B 61 11.69 -35.53 10.91
C GLU B 61 12.19 -34.50 9.91
N ASP B 62 13.24 -34.87 9.17
CA ASP B 62 13.90 -33.93 8.27
C ASP B 62 13.02 -33.50 7.10
N GLU B 63 12.09 -34.36 6.70
CA GLU B 63 11.25 -34.08 5.53
C GLU B 63 10.05 -33.20 5.88
N ALA B 64 9.81 -33.00 7.18
CA ALA B 64 8.63 -32.30 7.64
C ALA B 64 8.83 -30.79 7.72
N ILE B 65 7.75 -30.05 7.48
CA ILE B 65 7.77 -28.59 7.60
C ILE B 65 7.12 -28.21 8.92
N TYR B 66 7.86 -27.47 9.75
CA TYR B 66 7.44 -27.20 11.12
C TYR B 66 6.83 -25.81 11.31
N LEU B 67 5.64 -25.79 11.90
CA LEU B 67 4.95 -24.54 12.27
C LEU B 67 4.80 -24.50 13.79
N GLY B 68 4.82 -23.28 14.34
CA GLY B 68 4.67 -23.10 15.77
C GLY B 68 5.99 -22.99 16.51
N LEU B 69 7.07 -22.85 15.77
CA LEU B 69 8.40 -22.68 16.38
C LEU B 69 8.84 -21.23 16.28
N THR B 70 9.55 -20.77 17.29
CA THR B 70 10.15 -19.44 17.28
C THR B 70 11.67 -19.60 17.32
N TYR B 71 12.38 -18.57 16.89
CA TYR B 71 13.84 -18.63 16.89
C TYR B 71 14.36 -18.88 18.30
N ASN B 72 15.28 -19.84 18.42
CA ASN B 72 15.85 -20.20 19.70
C ASN B 72 17.28 -20.68 19.51
N VAL B 73 18.16 -20.31 20.43
CA VAL B 73 19.57 -20.66 20.33
C VAL B 73 19.78 -22.17 20.20
N LYS B 74 18.89 -22.95 20.81
CA LYS B 74 19.00 -24.41 20.76
C LYS B 74 18.43 -24.98 19.46
N LEU B 75 17.31 -24.42 19.01
CA LEU B 75 16.65 -24.92 17.80
C LEU B 75 17.35 -24.45 16.54
N ASN B 76 18.07 -23.32 16.64
CA ASN B 76 18.79 -22.77 15.51
C ASN B 76 19.87 -23.72 14.99
N ASP B 77 20.32 -24.62 15.87
CA ASP B 77 21.34 -25.61 15.50
C ASP B 77 20.72 -26.86 14.86
N PHE B 78 19.42 -26.80 14.56
CA PHE B 78 18.71 -27.93 13.98
C PHE B 78 17.74 -27.50 12.87
N PHE B 79 17.23 -26.27 12.96
CA PHE B 79 16.24 -25.76 12.02
C PHE B 79 16.74 -24.54 11.26
N TYR B 80 16.21 -24.38 10.05
CA TYR B 80 16.38 -23.14 9.28
C TYR B 80 15.04 -22.41 9.27
N PHE B 81 14.99 -21.25 9.89
CA PHE B 81 13.76 -20.47 9.98
C PHE B 81 13.55 -19.63 8.73
N LYS B 82 12.39 -19.79 8.11
CA LYS B 82 12.10 -19.23 6.80
C LYS B 82 11.11 -18.07 6.89
N SER B 83 10.08 -18.09 6.05
CA SER B 83 9.13 -16.98 5.95
C SER B 83 8.35 -16.76 7.25
N GLU B 84 7.92 -15.53 7.46
CA GLU B 84 7.14 -15.15 8.62
C GLU B 84 5.66 -15.48 8.41
N LEU B 85 5.06 -16.13 9.39
CA LEU B 85 3.66 -16.54 9.30
C LEU B 85 2.75 -15.53 10.01
N ALA B 86 3.18 -15.08 11.18
CA ALA B 86 2.43 -14.09 11.94
C ALA B 86 3.30 -13.51 13.06
N ARG B 87 2.77 -12.50 13.73
CA ARG B 87 3.48 -11.84 14.82
C ARG B 87 2.75 -12.02 16.14
N SER B 88 3.51 -12.00 17.23
CA SER B 88 2.95 -12.06 18.57
C SER B 88 3.65 -11.05 19.47
N ILE B 89 3.10 -10.87 20.67
CA ILE B 89 3.70 -10.03 21.68
C ILE B 89 4.00 -10.89 22.91
N SER B 90 5.22 -10.79 23.41
CA SER B 90 5.60 -11.52 24.62
C SER B 90 4.96 -10.85 25.84
N ILE B 91 4.28 -11.65 26.66
CA ILE B 91 3.59 -11.13 27.83
C ILE B 91 3.86 -11.99 29.05
N LEU B 92 4.13 -11.33 30.17
CA LEU B 92 4.24 -12.00 31.46
C LEU B 92 2.86 -12.02 32.11
N PHE B 93 2.28 -13.22 32.22
CA PHE B 93 0.95 -13.39 32.79
C PHE B 93 1.00 -13.83 34.25
N PHE B 94 -0.07 -13.51 34.99
CA PHE B 94 -0.25 -14.04 36.34
C PHE B 94 -1.74 -14.08 36.67
N LYS B 95 -2.08 -14.76 37.76
CA LYS B 95 -3.47 -14.98 38.12
C LYS B 95 -4.05 -13.84 38.96
N ASN B 96 -5.37 -13.75 38.97
CA ASN B 96 -6.09 -12.76 39.79
C ASN B 96 -5.79 -11.33 39.36
N PHE B 112 10.42 -15.14 43.14
CA PHE B 112 9.32 -15.50 42.26
C PHE B 112 9.82 -16.17 40.99
N ASN B 113 9.41 -17.42 40.77
CA ASN B 113 9.82 -18.17 39.60
C ASN B 113 8.90 -17.91 38.41
N ILE B 114 9.48 -17.95 37.22
CA ILE B 114 8.74 -17.69 35.99
C ILE B 114 8.71 -18.95 35.11
N GLY B 115 7.52 -19.29 34.63
CA GLY B 115 7.35 -20.42 33.72
C GLY B 115 7.48 -20.00 32.27
N VAL B 116 8.10 -20.86 31.46
CA VAL B 116 8.28 -20.58 30.05
C VAL B 116 8.45 -21.89 29.28
N ILE B 117 7.98 -21.93 28.04
CA ILE B 117 8.15 -23.12 27.22
C ILE B 117 9.61 -23.26 26.80
N LYS B 118 10.15 -24.46 26.96
CA LYS B 118 11.55 -24.73 26.64
C LYS B 118 11.81 -24.61 25.14
N ASN B 119 13.03 -24.20 24.79
CA ASN B 119 13.45 -24.08 23.41
C ASN B 119 12.58 -23.11 22.59
N THR B 120 12.19 -22.00 23.22
CA THR B 120 11.47 -20.93 22.52
C THR B 120 12.26 -19.64 22.64
N ILE B 121 11.88 -18.64 21.85
CA ILE B 121 12.51 -17.33 21.95
C ILE B 121 12.26 -16.76 23.34
N TYR B 122 11.14 -17.15 23.93
CA TYR B 122 10.75 -16.66 25.24
C TYR B 122 11.71 -17.13 26.32
N GLU B 123 12.25 -18.33 26.16
CA GLU B 123 13.24 -18.84 27.10
C GLU B 123 14.50 -18.01 27.03
N ASP B 124 14.96 -17.72 25.81
CA ASP B 124 16.16 -16.94 25.61
C ASP B 124 16.06 -15.55 26.25
N ILE B 125 14.89 -14.94 26.12
CA ILE B 125 14.67 -13.60 26.67
C ILE B 125 14.90 -13.60 28.18
N LEU B 126 14.35 -14.61 28.87
CA LEU B 126 14.49 -14.69 30.32
C LEU B 126 15.93 -14.96 30.75
N ARG B 127 16.68 -15.66 29.90
CA ARG B 127 18.08 -15.96 30.21
C ARG B 127 18.96 -14.75 29.95
N LEU B 128 18.58 -13.92 28.97
CA LEU B 128 19.31 -12.69 28.69
C LEU B 128 19.03 -11.65 29.77
N LYS B 129 17.81 -11.66 30.30
CA LYS B 129 17.45 -10.78 31.40
C LYS B 129 17.94 -11.33 32.74
N ASN B 130 18.62 -12.48 32.68
CA ASN B 130 19.19 -13.11 33.87
C ASN B 130 18.15 -13.39 34.95
N VAL B 131 17.08 -14.07 34.55
CA VAL B 131 16.08 -14.55 35.51
C VAL B 131 16.62 -15.81 36.18
N ASN B 132 16.58 -15.84 37.51
CA ASN B 132 17.16 -16.93 38.27
C ASN B 132 16.33 -18.21 38.21
N THR B 133 15.11 -18.13 38.75
CA THR B 133 14.23 -19.31 38.83
C THR B 133 13.35 -19.45 37.60
N ILE B 134 13.83 -20.21 36.61
CA ILE B 134 13.07 -20.49 35.41
C ILE B 134 12.51 -21.91 35.45
N PHE B 135 11.19 -22.02 35.46
CA PHE B 135 10.51 -23.30 35.35
C PHE B 135 10.26 -23.60 33.87
N LEU B 136 10.77 -24.74 33.40
CA LEU B 136 10.65 -25.09 31.98
C LEU B 136 9.45 -26.01 31.73
N ALA B 137 8.58 -25.59 30.82
CA ALA B 137 7.45 -26.39 30.40
C ALA B 137 7.67 -26.92 28.99
N ASP B 138 7.06 -28.06 28.67
CA ASP B 138 7.21 -28.68 27.37
C ASP B 138 6.27 -28.07 26.34
N ASN B 139 5.15 -27.53 26.82
CA ASN B 139 4.14 -26.95 25.92
C ASN B 139 3.22 -25.97 26.65
N SER B 140 2.40 -25.26 25.88
CA SER B 140 1.52 -24.24 26.43
C SER B 140 0.57 -24.79 27.48
N GLN B 141 -0.01 -25.96 27.20
CA GLN B 141 -0.96 -26.57 28.12
C GLN B 141 -0.32 -26.85 29.47
N GLU B 142 0.87 -27.45 29.44
CA GLU B 142 1.61 -27.73 30.67
C GLU B 142 1.96 -26.43 31.38
N LEU B 143 2.34 -25.43 30.61
CA LEU B 143 2.78 -24.16 31.17
C LEU B 143 1.67 -23.47 31.95
N VAL B 144 0.50 -23.37 31.32
CA VAL B 144 -0.63 -22.68 31.94
C VAL B 144 -1.14 -23.48 33.14
N LEU B 145 -1.03 -24.81 33.07
CA LEU B 145 -1.43 -25.66 34.18
C LEU B 145 -0.55 -25.41 35.41
N ALA B 146 0.73 -25.15 35.17
CA ALA B 146 1.66 -24.89 36.26
C ALA B 146 1.28 -23.62 37.00
N LEU B 147 0.81 -22.62 36.26
CA LEU B 147 0.36 -21.37 36.86
C LEU B 147 -0.92 -21.61 37.66
N LYS B 148 -1.87 -22.31 37.04
CA LYS B 148 -3.14 -22.63 37.67
C LYS B 148 -2.93 -23.37 38.99
N ASN B 149 -1.98 -24.31 38.99
CA ASN B 149 -1.71 -25.13 40.16
C ASN B 149 -0.65 -24.52 41.08
N ASP B 150 -0.36 -23.25 40.87
CA ASP B 150 0.55 -22.49 41.74
C ASP B 150 1.94 -23.11 41.81
N LYS B 151 2.36 -23.77 40.73
CA LYS B 151 3.72 -24.28 40.63
C LYS B 151 4.66 -23.13 40.29
N VAL B 152 4.14 -22.15 39.54
CA VAL B 152 4.87 -20.93 39.21
C VAL B 152 4.01 -19.72 39.53
N ASP B 153 4.66 -18.56 39.68
CA ASP B 153 3.96 -17.32 39.97
C ASP B 153 3.60 -16.59 38.68
N TYR B 154 4.47 -16.70 37.69
CA TYR B 154 4.29 -16.03 36.40
C TYR B 154 4.60 -16.97 35.25
N ILE B 155 3.94 -16.76 34.11
CA ILE B 155 4.29 -17.46 32.88
C ILE B 155 4.58 -16.43 31.80
N TYR B 156 5.50 -16.77 30.90
CA TYR B 156 5.97 -15.86 29.88
C TYR B 156 5.86 -16.50 28.50
N GLY B 157 5.16 -15.86 27.59
CA GLY B 157 4.98 -16.40 26.25
C GLY B 157 3.98 -15.67 25.39
N ASP B 158 3.38 -16.41 24.46
CA ASP B 158 2.49 -15.85 23.45
C ASP B 158 1.26 -15.19 24.07
N CYS B 159 0.98 -13.96 23.65
CA CYS B 159 -0.10 -13.16 24.23
C CYS B 159 -1.48 -13.78 24.01
N LYS B 160 -1.70 -14.30 22.80
CA LYS B 160 -3.02 -14.83 22.44
C LYS B 160 -3.23 -16.27 22.90
N THR B 161 -2.21 -17.11 22.71
CA THR B 161 -2.38 -18.54 22.92
C THR B 161 -2.45 -18.92 24.40
N LEU B 162 -1.52 -18.42 25.21
CA LEU B 162 -1.50 -18.73 26.63
C LEU B 162 -2.76 -18.21 27.30
N HIS B 163 -3.21 -17.04 26.86
CA HIS B 163 -4.39 -16.42 27.39
C HIS B 163 -5.64 -17.22 27.01
N TYR B 164 -5.69 -17.67 25.76
CA TYR B 164 -6.82 -18.46 25.28
C TYR B 164 -7.00 -19.73 26.11
N ILE B 165 -5.91 -20.48 26.26
CA ILE B 165 -5.96 -21.77 26.97
C ILE B 165 -6.44 -21.58 28.40
N ALA B 166 -5.82 -20.65 29.12
CA ALA B 166 -6.20 -20.38 30.50
C ALA B 166 -7.66 -19.98 30.60
N ASN B 167 -8.10 -19.12 29.68
CA ASN B 167 -9.43 -18.54 29.74
C ASN B 167 -10.55 -19.50 29.35
N ASN B 168 -10.22 -20.46 28.48
CA ASN B 168 -11.23 -21.38 27.94
C ASN B 168 -11.21 -22.77 28.58
N PHE B 169 -10.05 -23.19 29.09
CA PHE B 169 -9.91 -24.53 29.66
C PHE B 169 -9.85 -24.54 31.18
N LEU B 170 -9.33 -23.46 31.78
CA LEU B 170 -9.08 -23.42 33.22
C LEU B 170 -9.85 -22.31 33.93
N SER B 171 -10.75 -21.65 33.20
CA SER B 171 -11.57 -20.58 33.77
C SER B 171 -10.71 -19.53 34.45
N GLU B 172 -9.61 -19.18 33.82
CA GLU B 172 -8.65 -18.22 34.36
C GLU B 172 -8.39 -17.10 33.36
N ASP B 173 -8.87 -15.91 33.68
CA ASP B 173 -8.60 -14.71 32.89
C ASP B 173 -7.30 -14.08 33.38
N LEU B 174 -6.19 -14.39 32.70
CA LEU B 174 -4.87 -14.00 33.17
C LEU B 174 -4.62 -12.51 33.03
N VAL B 175 -3.92 -11.94 34.01
CA VAL B 175 -3.62 -10.52 34.04
C VAL B 175 -2.26 -10.23 33.38
N ILE B 176 -2.22 -9.16 32.58
CA ILE B 176 -1.00 -8.74 31.91
C ILE B 176 -0.12 -7.93 32.86
N PHE B 177 1.16 -8.28 32.92
CA PHE B 177 2.12 -7.55 33.74
C PHE B 177 2.51 -6.23 33.06
N THR B 178 2.19 -5.12 33.72
CA THR B 178 2.36 -3.79 33.16
C THR B 178 3.82 -3.47 32.83
N GLY B 179 4.74 -4.06 33.59
CA GLY B 179 6.16 -3.76 33.44
C GLY B 179 6.70 -3.96 32.04
N ASP B 180 7.85 -3.35 31.78
CA ASP B 180 8.46 -3.41 30.45
C ASP B 180 9.02 -4.80 30.15
N VAL B 181 8.22 -5.62 29.48
CA VAL B 181 8.63 -6.96 29.09
C VAL B 181 8.05 -7.34 27.72
N PHE B 182 7.58 -6.33 26.99
CA PHE B 182 6.87 -6.56 25.74
C PHE B 182 7.80 -6.52 24.54
N TYR B 183 8.00 -7.69 23.93
CA TYR B 183 8.78 -7.80 22.70
C TYR B 183 7.87 -8.20 21.55
N SER B 184 8.15 -7.68 20.36
CA SER B 184 7.47 -8.13 19.16
C SER B 184 8.13 -9.42 18.68
N ILE B 185 7.35 -10.50 18.68
CA ILE B 185 7.87 -11.83 18.34
C ILE B 185 7.38 -12.26 16.97
N LYS B 186 8.32 -12.74 16.15
CA LYS B 186 7.99 -13.23 14.82
C LYS B 186 7.79 -14.75 14.86
N ASN B 187 6.65 -15.20 14.32
CA ASN B 187 6.39 -16.63 14.18
C ASN B 187 6.67 -17.05 12.74
N ARG B 188 7.65 -17.92 12.57
CA ARG B 188 8.13 -18.29 11.24
C ARG B 188 7.91 -19.76 10.91
N VAL B 189 7.97 -20.07 9.62
CA VAL B 189 7.98 -21.45 9.15
C VAL B 189 9.42 -21.96 9.23
N ALA B 190 9.59 -23.20 9.64
CA ALA B 190 10.92 -23.78 9.81
C ALA B 190 11.02 -25.16 9.15
N ILE B 191 12.17 -25.41 8.52
CA ILE B 191 12.49 -26.71 7.98
C ILE B 191 13.84 -27.17 8.53
N SER B 192 14.03 -28.48 8.59
CA SER B 192 15.27 -29.06 9.11
C SER B 192 16.47 -28.63 8.28
N ARG B 193 17.64 -28.62 8.91
CA ARG B 193 18.88 -28.30 8.22
C ARG B 193 19.24 -29.41 7.24
N ASN B 194 18.92 -30.64 7.62
CA ASN B 194 19.17 -31.82 6.78
C ASN B 194 17.93 -32.20 6.00
N ALA B 195 17.11 -31.21 5.64
CA ALA B 195 15.87 -31.46 4.92
C ALA B 195 16.18 -31.89 3.48
N PRO B 196 15.26 -32.65 2.85
CA PRO B 196 15.45 -33.04 1.46
C PRO B 196 15.50 -31.83 0.52
N GLU B 197 16.15 -31.98 -0.63
CA GLU B 197 16.28 -30.90 -1.60
C GLU B 197 14.90 -30.44 -2.08
N ILE B 198 13.97 -31.37 -2.15
CA ILE B 198 12.61 -31.07 -2.62
C ILE B 198 11.91 -30.12 -1.65
N VAL B 199 12.26 -30.21 -0.37
CA VAL B 199 11.66 -29.35 0.66
C VAL B 199 12.33 -27.98 0.65
N LYS B 200 13.66 -27.96 0.53
CA LYS B 200 14.41 -26.71 0.55
C LYS B 200 14.04 -25.81 -0.63
N ASN B 201 13.54 -26.40 -1.70
CA ASN B 201 13.18 -25.64 -2.89
C ASN B 201 11.78 -25.05 -2.80
N LEU B 202 11.00 -25.53 -1.84
CA LEU B 202 9.63 -25.05 -1.68
C LEU B 202 9.59 -23.58 -1.28
N ASN B 203 8.63 -22.86 -1.83
CA ASN B 203 8.31 -21.51 -1.37
C ASN B 203 7.27 -21.61 -0.28
N LEU B 204 7.70 -21.44 0.97
CA LEU B 204 6.83 -21.63 2.12
C LEU B 204 6.28 -20.31 2.66
N ASP B 205 5.89 -19.42 1.75
CA ASP B 205 5.28 -18.15 2.14
C ASP B 205 3.78 -18.36 2.35
N LEU B 206 3.42 -18.98 3.47
CA LEU B 206 2.03 -19.28 3.76
C LEU B 206 1.23 -18.02 4.03
N PHE B 207 1.90 -17.01 4.57
CA PHE B 207 1.23 -15.75 4.92
C PHE B 207 0.64 -15.05 3.70
N SER B 208 1.28 -15.23 2.55
CA SER B 208 0.82 -14.58 1.32
C SER B 208 -0.58 -15.07 0.92
N TYR B 209 -0.93 -16.28 1.33
CA TYR B 209 -2.22 -16.87 1.00
C TYR B 209 -3.33 -16.29 1.87
N LEU B 210 -2.95 -15.42 2.81
CA LEU B 210 -3.89 -14.57 3.52
C LEU B 210 -4.01 -13.26 2.75
N MET B 211 -5.07 -13.13 1.97
CA MET B 211 -5.28 -11.95 1.14
C MET B 211 -5.24 -10.68 1.98
N LYS B 212 -4.48 -9.69 1.51
CA LYS B 212 -4.30 -8.44 2.24
C LYS B 212 -5.37 -7.43 1.89
N MET B 213 -5.49 -6.40 2.72
CA MET B 213 -6.47 -5.34 2.49
C MET B 213 -5.99 -4.36 1.42
N PRO B 214 -6.61 -4.42 0.24
CA PRO B 214 -6.30 -3.57 -0.92
C PRO B 214 -4.82 -3.57 -1.28
N SER C 4 23.87 -21.50 -17.09
CA SER C 4 23.47 -20.63 -18.18
C SER C 4 22.66 -19.44 -17.66
N LYS C 5 22.49 -18.43 -18.51
CA LYS C 5 21.69 -17.26 -18.18
C LYS C 5 20.24 -17.47 -18.61
N ASP C 6 19.31 -17.00 -17.79
CA ASP C 6 17.91 -17.04 -18.14
C ASP C 6 17.61 -16.00 -19.22
N ILE C 7 16.58 -16.25 -20.00
CA ILE C 7 16.11 -15.31 -21.00
C ILE C 7 14.63 -15.02 -20.73
N PHE C 8 14.29 -13.74 -20.63
CA PHE C 8 12.92 -13.33 -20.36
C PHE C 8 12.41 -12.36 -21.42
N LYS C 9 11.17 -12.58 -21.84
CA LYS C 9 10.53 -11.75 -22.85
C LYS C 9 9.53 -10.81 -22.21
N PHE C 10 9.55 -9.55 -22.63
CA PHE C 10 8.63 -8.54 -22.14
C PHE C 10 7.71 -8.04 -23.24
N LYS C 11 6.41 -8.27 -23.08
CA LYS C 11 5.42 -7.75 -24.02
C LYS C 11 5.14 -6.29 -23.71
N LEU C 12 5.31 -5.43 -24.71
CA LEU C 12 5.04 -4.01 -24.57
C LEU C 12 3.75 -3.64 -25.30
N VAL C 13 2.67 -3.54 -24.54
CA VAL C 13 1.33 -3.35 -25.10
C VAL C 13 1.03 -1.89 -25.44
N ASP C 14 0.66 -1.66 -26.70
CA ASP C 14 0.21 -0.35 -27.16
C ASP C 14 1.33 0.69 -27.00
N GLN C 15 1.05 1.77 -26.28
CA GLN C 15 2.05 2.81 -26.04
C GLN C 15 1.91 3.32 -24.62
N PHE C 16 3.04 3.75 -24.05
CA PHE C 16 3.10 4.13 -22.64
C PHE C 16 4.25 5.10 -22.42
N PHE C 17 3.99 6.39 -22.64
CA PHE C 17 5.01 7.42 -22.47
C PHE C 17 5.41 7.52 -21.01
N PRO C 18 6.71 7.66 -20.72
CA PRO C 18 7.89 7.71 -21.62
C PRO C 18 8.58 6.35 -21.76
N PHE C 19 7.96 5.30 -21.23
CA PHE C 19 8.59 3.99 -21.20
C PHE C 19 8.78 3.41 -22.61
N TYR C 20 7.74 3.49 -23.41
CA TYR C 20 7.83 3.12 -24.83
C TYR C 20 6.71 3.76 -25.62
N TYR C 21 7.04 4.33 -26.78
CA TYR C 21 6.05 5.02 -27.60
C TYR C 21 6.61 5.28 -29.00
N LYS C 22 5.72 5.59 -29.95
CA LYS C 22 6.12 5.91 -31.31
C LYS C 22 6.38 7.41 -31.45
N ASN C 23 7.50 7.79 -32.04
CA ASN C 23 7.79 9.19 -32.30
C ASN C 23 7.04 9.65 -33.56
N ASN C 24 7.29 10.87 -33.98
CA ASN C 24 6.63 11.44 -35.16
C ASN C 24 6.93 10.65 -36.43
N LYS C 25 8.11 10.05 -36.49
CA LYS C 25 8.53 9.29 -37.65
C LYS C 25 7.95 7.87 -37.65
N GLY C 26 7.30 7.50 -36.55
CA GLY C 26 6.71 6.18 -36.42
C GLY C 26 7.66 5.17 -35.80
N GLU C 27 8.84 5.63 -35.42
CA GLU C 27 9.84 4.78 -34.79
C GLU C 27 9.60 4.69 -33.29
N TYR C 28 9.80 3.49 -32.72
CA TYR C 28 9.61 3.30 -31.29
C TYR C 28 10.77 3.91 -30.50
N GLU C 29 10.44 4.49 -29.35
CA GLU C 29 11.45 5.06 -28.46
C GLU C 29 10.93 5.02 -27.03
N GLY C 30 11.82 5.16 -26.08
CA GLY C 30 11.44 5.17 -24.67
C GLY C 30 12.60 4.75 -23.79
N LEU C 31 12.36 4.72 -22.48
CA LEU C 31 13.42 4.41 -21.52
C LEU C 31 13.26 3.02 -20.91
N ILE C 32 12.25 2.27 -21.32
CA ILE C 32 11.97 0.96 -20.72
C ILE C 32 13.18 0.04 -20.88
N PHE C 33 13.88 0.19 -21.99
CA PHE C 33 15.00 -0.70 -22.31
C PHE C 33 16.15 -0.53 -21.32
N SER C 34 16.36 0.70 -20.84
CA SER C 34 17.41 0.97 -19.87
C SER C 34 17.03 0.40 -18.51
N ILE C 35 15.74 0.41 -18.20
CA ILE C 35 15.26 -0.17 -16.94
C ILE C 35 15.40 -1.70 -16.96
N LEU C 36 14.99 -2.31 -18.07
CA LEU C 36 15.01 -3.75 -18.19
C LEU C 36 16.44 -4.31 -18.18
N ASP C 37 17.39 -3.58 -18.77
CA ASP C 37 18.78 -4.00 -18.75
C ASP C 37 19.32 -3.99 -17.32
N LYS C 38 18.91 -3.00 -16.54
CA LYS C 38 19.31 -2.93 -15.14
C LYS C 38 18.73 -4.12 -14.37
N TRP C 39 17.42 -4.33 -14.54
CA TRP C 39 16.75 -5.47 -13.91
C TRP C 39 17.36 -6.79 -14.35
N ALA C 40 17.73 -6.88 -15.62
CA ALA C 40 18.30 -8.10 -16.17
C ALA C 40 19.64 -8.43 -15.51
N LYS C 41 20.43 -7.40 -15.24
CA LYS C 41 21.76 -7.59 -14.67
C LYS C 41 21.70 -8.11 -13.23
N ASP C 42 20.66 -7.71 -12.50
CA ASP C 42 20.48 -8.16 -11.12
C ASP C 42 19.79 -9.52 -11.05
N ASN C 43 19.30 -9.99 -12.19
CA ASN C 43 18.68 -11.31 -12.28
C ASN C 43 19.50 -12.28 -13.13
N ASN C 44 20.70 -11.83 -13.52
CA ASN C 44 21.59 -12.64 -14.35
C ASN C 44 20.87 -13.17 -15.57
N ALA C 45 20.21 -12.28 -16.28
CA ALA C 45 19.39 -12.67 -17.42
C ALA C 45 19.66 -11.82 -18.64
N ASP C 46 19.27 -12.35 -19.79
CA ASP C 46 19.16 -11.57 -21.01
C ASP C 46 17.67 -11.30 -21.21
N ILE C 47 17.35 -10.23 -21.91
CA ILE C 47 15.95 -9.85 -22.09
C ILE C 47 15.61 -9.52 -23.54
N MET C 48 14.37 -9.80 -23.89
CA MET C 48 13.80 -9.46 -25.19
C MET C 48 12.51 -8.71 -24.99
N VAL C 49 12.15 -7.86 -25.95
CA VAL C 49 10.87 -7.18 -25.92
C VAL C 49 10.05 -7.57 -27.15
N GLU C 50 8.76 -7.27 -27.12
CA GLU C 50 7.93 -7.35 -28.31
C GLU C 50 6.83 -6.31 -28.24
N HIS C 51 6.78 -5.46 -29.26
CA HIS C 51 5.74 -4.45 -29.37
C HIS C 51 4.48 -5.07 -29.99
N ILE C 52 3.34 -4.83 -29.36
CA ILE C 52 2.06 -5.28 -29.90
C ILE C 52 1.01 -4.19 -29.77
N ASP C 53 0.37 -3.87 -30.90
CA ASP C 53 -0.68 -2.85 -30.92
C ASP C 53 -1.90 -3.36 -30.18
N ASN C 54 -2.49 -4.44 -30.66
CA ASN C 54 -3.71 -5.00 -30.09
C ASN C 54 -3.40 -6.03 -29.02
N LEU C 55 -4.35 -6.19 -28.10
CA LEU C 55 -4.27 -7.23 -27.06
C LEU C 55 -5.42 -8.20 -27.22
N ASN C 56 -5.13 -9.39 -27.74
CA ASN C 56 -6.13 -10.44 -27.87
C ASN C 56 -6.03 -11.42 -26.72
N GLU C 57 -6.97 -11.34 -25.79
CA GLU C 57 -6.94 -12.14 -24.57
C GLU C 57 -6.99 -13.64 -24.84
N SER C 58 -7.40 -14.02 -26.05
CA SER C 58 -7.46 -15.43 -26.43
C SER C 58 -6.11 -15.90 -26.99
N GLU C 59 -5.29 -14.96 -27.44
CA GLU C 59 -3.98 -15.27 -28.00
C GLU C 59 -2.86 -14.73 -27.12
N ILE C 60 -2.88 -15.12 -25.84
CA ILE C 60 -1.88 -14.68 -24.88
C ILE C 60 -0.69 -15.62 -24.86
N GLU C 61 0.51 -15.06 -24.68
CA GLU C 61 1.71 -15.85 -24.50
C GLU C 61 2.03 -15.96 -23.02
N ASP C 62 1.77 -17.13 -22.45
CA ASP C 62 1.90 -17.34 -21.02
C ASP C 62 3.34 -17.17 -20.53
N GLU C 63 4.30 -17.35 -21.43
CA GLU C 63 5.72 -17.33 -21.08
C GLU C 63 6.27 -15.90 -21.02
N ALA C 64 5.47 -14.94 -21.49
CA ALA C 64 5.92 -13.56 -21.59
C ALA C 64 5.37 -12.70 -20.46
N ILE C 65 6.17 -11.71 -20.05
CA ILE C 65 5.76 -10.73 -19.04
C ILE C 65 5.14 -9.54 -19.76
N TYR C 66 3.99 -9.08 -19.27
CA TYR C 66 3.24 -8.04 -19.96
C TYR C 66 3.32 -6.69 -19.26
N LEU C 67 3.67 -5.66 -20.03
CA LEU C 67 3.65 -4.28 -19.58
C LEU C 67 2.62 -3.50 -20.41
N GLY C 68 2.04 -2.47 -19.80
CA GLY C 68 1.10 -1.61 -20.51
C GLY C 68 -0.35 -1.99 -20.31
N LEU C 69 -0.61 -2.93 -19.40
CA LEU C 69 -1.98 -3.31 -19.07
C LEU C 69 -2.46 -2.54 -17.85
N THR C 70 -3.77 -2.40 -17.73
CA THR C 70 -4.40 -1.86 -16.54
C THR C 70 -5.46 -2.84 -16.04
N TYR C 71 -5.91 -2.66 -14.81
CA TYR C 71 -6.92 -3.54 -14.22
C TYR C 71 -8.18 -3.57 -15.08
N ASN C 72 -8.65 -4.76 -15.39
CA ASN C 72 -9.83 -4.94 -16.24
C ASN C 72 -10.54 -6.24 -15.91
N VAL C 73 -11.87 -6.21 -16.02
CA VAL C 73 -12.71 -7.36 -15.66
C VAL C 73 -12.38 -8.59 -16.50
N LYS C 74 -12.29 -8.41 -17.81
CA LYS C 74 -12.02 -9.51 -18.72
C LYS C 74 -10.59 -10.03 -18.56
N LEU C 75 -9.65 -9.11 -18.41
CA LEU C 75 -8.23 -9.48 -18.34
C LEU C 75 -7.88 -10.12 -16.99
N ASN C 76 -8.71 -9.88 -15.98
CA ASN C 76 -8.51 -10.50 -14.67
C ASN C 76 -8.59 -12.01 -14.75
N ASP C 77 -9.31 -12.52 -15.75
CA ASP C 77 -9.47 -13.96 -15.94
C ASP C 77 -8.26 -14.59 -16.63
N PHE C 78 -7.25 -13.78 -16.91
CA PHE C 78 -6.08 -14.25 -17.66
C PHE C 78 -4.76 -13.84 -17.00
N PHE C 79 -4.75 -12.69 -16.33
CA PHE C 79 -3.51 -12.13 -15.80
C PHE C 79 -3.51 -11.98 -14.28
N TYR C 80 -2.30 -11.88 -13.73
CA TYR C 80 -2.10 -11.54 -12.32
C TYR C 80 -1.21 -10.30 -12.26
N PHE C 81 -1.75 -9.22 -11.72
CA PHE C 81 -1.04 -7.95 -11.69
C PHE C 81 -0.10 -7.84 -10.48
N LYS C 82 1.18 -7.63 -10.75
CA LYS C 82 2.20 -7.53 -9.70
C LYS C 82 2.56 -6.05 -9.43
N SER C 83 3.84 -5.72 -9.56
CA SER C 83 4.33 -4.39 -9.18
C SER C 83 3.82 -3.30 -10.10
N GLU C 84 4.04 -2.05 -9.69
CA GLU C 84 3.56 -0.88 -10.42
C GLU C 84 4.68 -0.17 -11.16
N LEU C 85 4.37 0.32 -12.36
CA LEU C 85 5.20 1.31 -13.03
C LEU C 85 4.66 2.69 -12.63
N ALA C 86 4.98 3.72 -13.42
CA ALA C 86 4.47 5.06 -13.15
C ALA C 86 2.95 5.09 -13.23
N ARG C 87 2.34 5.96 -12.44
CA ARG C 87 0.88 6.15 -12.47
C ARG C 87 0.49 7.09 -13.61
N SER C 88 -0.78 7.00 -14.01
CA SER C 88 -1.34 7.89 -15.02
C SER C 88 -2.59 8.56 -14.45
N ILE C 89 -3.15 9.48 -15.22
CA ILE C 89 -4.42 10.10 -14.88
C ILE C 89 -5.38 9.95 -16.06
N SER C 90 -6.60 9.52 -15.77
CA SER C 90 -7.61 9.39 -16.81
C SER C 90 -8.12 10.77 -17.20
N ILE C 91 -8.22 11.01 -18.50
CA ILE C 91 -8.75 12.27 -19.01
C ILE C 91 -9.67 12.01 -20.20
N LEU C 92 -10.77 12.75 -20.23
CA LEU C 92 -11.68 12.73 -21.37
C LEU C 92 -11.37 13.92 -22.28
N PHE C 93 -10.94 13.62 -23.51
CA PHE C 93 -10.56 14.65 -24.47
C PHE C 93 -11.62 14.85 -25.55
N PHE C 94 -11.59 16.03 -26.18
CA PHE C 94 -12.38 16.28 -27.37
C PHE C 94 -11.71 17.38 -28.20
N LYS C 95 -12.15 17.54 -29.45
CA LYS C 95 -11.58 18.53 -30.35
C LYS C 95 -12.19 19.91 -30.10
N ASN C 96 -11.38 20.95 -30.26
CA ASN C 96 -11.84 22.32 -30.08
C ASN C 96 -12.87 22.70 -31.13
N THR C 107 -26.03 17.28 -22.37
CA THR C 107 -25.07 17.86 -21.44
C THR C 107 -24.76 16.91 -20.29
N PHE C 108 -25.14 15.64 -20.46
CA PHE C 108 -24.88 14.61 -19.45
C PHE C 108 -23.81 13.64 -19.94
N LEU C 109 -22.96 13.19 -19.02
CA LEU C 109 -21.86 12.30 -19.35
C LEU C 109 -22.35 10.99 -19.98
N SER C 110 -23.50 10.51 -19.51
CA SER C 110 -24.05 9.25 -19.98
C SER C 110 -24.47 9.30 -21.45
N ASN C 111 -24.75 10.51 -21.93
CA ASN C 111 -25.23 10.69 -23.30
C ASN C 111 -24.12 10.99 -24.30
N PHE C 112 -22.90 11.13 -23.80
CA PHE C 112 -21.75 11.40 -24.66
C PHE C 112 -21.34 10.16 -25.44
N ASN C 113 -21.01 10.34 -26.71
CA ASN C 113 -20.46 9.26 -27.53
C ASN C 113 -18.95 9.20 -27.37
N ILE C 114 -18.48 8.27 -26.54
CA ILE C 114 -17.09 8.23 -26.11
C ILE C 114 -16.34 7.01 -26.65
N GLY C 115 -15.11 7.23 -27.10
CA GLY C 115 -14.24 6.16 -27.54
C GLY C 115 -13.25 5.77 -26.47
N VAL C 116 -12.88 4.49 -26.43
CA VAL C 116 -11.97 3.98 -25.41
C VAL C 116 -11.29 2.70 -25.89
N ILE C 117 -10.07 2.46 -25.42
CA ILE C 117 -9.38 1.22 -25.73
C ILE C 117 -10.03 0.06 -24.98
N LYS C 118 -10.34 -1.00 -25.72
CA LYS C 118 -11.01 -2.16 -25.14
C LYS C 118 -10.13 -2.89 -24.12
N ASN C 119 -10.78 -3.54 -23.17
CA ASN C 119 -10.10 -4.34 -22.14
C ASN C 119 -9.11 -3.52 -21.31
N THR C 120 -9.45 -2.25 -21.08
CA THR C 120 -8.66 -1.39 -20.21
C THR C 120 -9.51 -0.99 -19.01
N ILE C 121 -8.87 -0.39 -18.00
CA ILE C 121 -9.58 0.09 -16.84
C ILE C 121 -10.51 1.22 -17.26
N TYR C 122 -10.08 1.98 -18.27
CA TYR C 122 -10.85 3.12 -18.77
C TYR C 122 -12.21 2.67 -19.31
N GLU C 123 -12.24 1.52 -19.99
CA GLU C 123 -13.48 0.99 -20.52
C GLU C 123 -14.46 0.69 -19.38
N ASP C 124 -13.98 0.01 -18.34
CA ASP C 124 -14.82 -0.37 -17.22
C ASP C 124 -15.42 0.86 -16.54
N ILE C 125 -14.61 1.91 -16.39
CA ILE C 125 -15.08 3.14 -15.74
C ILE C 125 -16.24 3.75 -16.51
N LEU C 126 -16.15 3.73 -17.84
CA LEU C 126 -17.20 4.29 -18.67
C LEU C 126 -18.51 3.52 -18.54
N ARG C 127 -18.41 2.21 -18.33
CA ARG C 127 -19.59 1.37 -18.18
C ARG C 127 -20.20 1.55 -16.79
N LEU C 128 -19.34 1.74 -15.79
CA LEU C 128 -19.81 2.04 -14.44
C LEU C 128 -20.45 3.42 -14.40
N LYS C 129 -20.01 4.29 -15.30
CA LYS C 129 -20.60 5.62 -15.44
C LYS C 129 -21.86 5.57 -16.31
N ASN C 130 -22.27 4.37 -16.69
CA ASN C 130 -23.50 4.15 -17.45
C ASN C 130 -23.52 4.88 -18.80
N VAL C 131 -22.44 4.73 -19.56
CA VAL C 131 -22.40 5.23 -20.93
C VAL C 131 -22.91 4.14 -21.86
N ASN C 132 -24.07 4.37 -22.45
CA ASN C 132 -24.71 3.38 -23.32
C ASN C 132 -24.02 3.27 -24.68
N THR C 133 -23.36 4.35 -25.09
CA THR C 133 -22.69 4.41 -26.39
C THR C 133 -21.17 4.48 -26.21
N ILE C 134 -20.50 3.37 -26.49
CA ILE C 134 -19.06 3.25 -26.30
C ILE C 134 -18.38 2.69 -27.54
N PHE C 135 -17.54 3.50 -28.17
CA PHE C 135 -16.73 3.05 -29.30
C PHE C 135 -15.49 2.35 -28.77
N LEU C 136 -15.35 1.06 -29.08
CA LEU C 136 -14.21 0.28 -28.61
C LEU C 136 -13.10 0.25 -29.65
N ALA C 137 -11.95 0.82 -29.30
CA ALA C 137 -10.76 0.78 -30.15
C ALA C 137 -9.81 -0.28 -29.66
N ASP C 138 -8.96 -0.79 -30.56
CA ASP C 138 -8.00 -1.81 -30.22
C ASP C 138 -6.73 -1.21 -29.61
N ASN C 139 -6.41 0.01 -30.00
CA ASN C 139 -5.20 0.69 -29.50
C ASN C 139 -5.33 2.21 -29.52
N SER C 140 -4.31 2.88 -29.01
CA SER C 140 -4.33 4.34 -28.87
C SER C 140 -4.41 5.06 -30.21
N GLN C 141 -3.64 4.57 -31.18
CA GLN C 141 -3.59 5.20 -32.50
C GLN C 141 -4.97 5.15 -33.16
N GLU C 142 -5.64 4.01 -33.04
CA GLU C 142 -6.96 3.84 -33.61
C GLU C 142 -7.97 4.74 -32.90
N LEU C 143 -7.82 4.85 -31.59
CA LEU C 143 -8.70 5.70 -30.79
C LEU C 143 -8.62 7.16 -31.22
N VAL C 144 -7.38 7.65 -31.41
CA VAL C 144 -7.16 9.02 -31.80
C VAL C 144 -7.69 9.29 -33.22
N LEU C 145 -7.54 8.31 -34.10
CA LEU C 145 -7.99 8.45 -35.48
C LEU C 145 -9.51 8.48 -35.55
N ALA C 146 -10.16 7.75 -34.66
CA ALA C 146 -11.62 7.75 -34.60
C ALA C 146 -12.13 9.15 -34.24
N LEU C 147 -11.37 9.83 -33.39
CA LEU C 147 -11.73 11.19 -32.99
C LEU C 147 -11.52 12.16 -34.15
N LYS C 148 -10.47 11.93 -34.92
CA LYS C 148 -10.17 12.78 -36.08
C LYS C 148 -11.27 12.70 -37.12
N ASN C 149 -11.76 11.49 -37.38
CA ASN C 149 -12.81 11.27 -38.36
C ASN C 149 -14.20 11.47 -37.79
N ASP C 150 -14.27 12.04 -36.58
CA ASP C 150 -15.54 12.31 -35.90
C ASP C 150 -16.37 11.04 -35.72
N LYS C 151 -15.69 9.89 -35.67
CA LYS C 151 -16.35 8.63 -35.36
C LYS C 151 -16.80 8.63 -33.90
N VAL C 152 -16.14 9.45 -33.09
CA VAL C 152 -16.48 9.63 -31.69
C VAL C 152 -16.42 11.11 -31.33
N ASP C 153 -17.16 11.49 -30.29
CA ASP C 153 -17.18 12.87 -29.82
C ASP C 153 -16.11 13.11 -28.76
N TYR C 154 -15.76 12.04 -28.05
CA TYR C 154 -14.76 12.12 -26.99
C TYR C 154 -13.87 10.87 -27.00
N ILE C 155 -12.70 10.98 -26.39
CA ILE C 155 -11.83 9.82 -26.16
C ILE C 155 -11.36 9.81 -24.71
N TYR C 156 -11.28 8.63 -24.12
CA TYR C 156 -11.00 8.46 -22.70
C TYR C 156 -9.83 7.50 -22.48
N GLY C 157 -8.79 7.98 -21.80
CA GLY C 157 -7.63 7.15 -21.53
C GLY C 157 -6.47 7.89 -20.89
N ASP C 158 -5.27 7.38 -21.13
CA ASP C 158 -4.05 7.92 -20.54
C ASP C 158 -3.85 9.40 -20.86
N CYS C 159 -3.49 10.17 -19.83
CA CYS C 159 -3.35 11.61 -19.99
C CYS C 159 -2.30 11.97 -21.04
N LYS C 160 -1.10 11.41 -20.90
CA LYS C 160 0.03 11.80 -21.75
C LYS C 160 0.03 11.11 -23.11
N THR C 161 -0.10 9.79 -23.09
CA THR C 161 0.00 8.99 -24.32
C THR C 161 -1.01 9.44 -25.37
N LEU C 162 -2.28 9.57 -24.99
CA LEU C 162 -3.31 9.97 -25.95
C LEU C 162 -3.06 11.39 -26.43
N HIS C 163 -2.60 12.26 -25.53
CA HIS C 163 -2.38 13.66 -25.87
C HIS C 163 -1.26 13.79 -26.90
N TYR C 164 -0.20 13.01 -26.73
CA TYR C 164 0.94 13.06 -27.63
C TYR C 164 0.58 12.53 -29.02
N ILE C 165 -0.13 11.41 -29.05
CA ILE C 165 -0.52 10.80 -30.32
C ILE C 165 -1.46 11.73 -31.08
N ALA C 166 -2.27 12.48 -30.36
CA ALA C 166 -3.19 13.44 -30.97
C ALA C 166 -2.41 14.54 -31.68
N ASN C 167 -1.33 15.00 -31.07
CA ASN C 167 -0.51 16.06 -31.65
C ASN C 167 0.08 15.67 -33.00
N ASN C 168 0.33 14.38 -33.18
CA ASN C 168 0.96 13.87 -34.39
C ASN C 168 -0.03 13.57 -35.52
N PHE C 169 -1.32 13.55 -35.20
CA PHE C 169 -2.35 13.17 -36.18
C PHE C 169 -3.45 14.21 -36.33
N LEU C 170 -3.90 14.79 -35.22
CA LEU C 170 -4.97 15.77 -35.26
C LEU C 170 -4.48 17.17 -35.62
N SER C 171 -5.26 17.87 -36.44
CA SER C 171 -4.97 19.25 -36.79
C SER C 171 -5.41 20.17 -35.65
N GLU C 172 -6.57 19.88 -35.08
CA GLU C 172 -7.10 20.66 -33.96
C GLU C 172 -6.55 20.16 -32.63
N ASP C 173 -6.31 21.09 -31.71
CA ASP C 173 -5.78 20.74 -30.39
C ASP C 173 -6.87 20.09 -29.52
N LEU C 174 -6.44 19.28 -28.56
CA LEU C 174 -7.36 18.62 -27.65
C LEU C 174 -7.80 19.54 -26.53
N VAL C 175 -9.03 19.36 -26.07
CA VAL C 175 -9.56 20.08 -24.93
C VAL C 175 -9.92 19.07 -23.84
N ILE C 176 -9.69 19.44 -22.59
CA ILE C 176 -10.01 18.59 -21.45
C ILE C 176 -11.44 18.83 -21.00
N PHE C 177 -12.23 17.76 -20.96
CA PHE C 177 -13.59 17.84 -20.43
C PHE C 177 -13.57 17.97 -18.92
N THR C 178 -14.09 19.09 -18.41
CA THR C 178 -14.16 19.32 -16.98
C THR C 178 -15.33 18.54 -16.39
N GLY C 179 -15.01 17.61 -15.48
CA GLY C 179 -16.01 16.77 -14.85
C GLY C 179 -15.37 15.72 -13.97
N ASP C 180 -16.19 14.97 -13.24
CA ASP C 180 -15.70 13.95 -12.34
C ASP C 180 -15.29 12.69 -13.12
N VAL C 181 -14.27 12.84 -13.94
CA VAL C 181 -13.77 11.75 -14.78
C VAL C 181 -12.28 11.50 -14.55
N PHE C 182 -11.67 12.30 -13.68
CA PHE C 182 -10.23 12.20 -13.43
C PHE C 182 -9.92 11.22 -12.30
N TYR C 183 -9.28 10.11 -12.66
CA TYR C 183 -8.89 9.09 -11.69
C TYR C 183 -7.39 8.80 -11.79
N SER C 184 -6.76 8.58 -10.65
CA SER C 184 -5.37 8.13 -10.63
C SER C 184 -5.32 6.67 -11.05
N ILE C 185 -4.60 6.39 -12.12
CA ILE C 185 -4.56 5.06 -12.72
C ILE C 185 -3.20 4.41 -12.49
N LYS C 186 -3.23 3.18 -11.99
CA LYS C 186 -2.02 2.42 -11.73
C LYS C 186 -1.66 1.55 -12.94
N ASN C 187 -0.46 1.74 -13.46
CA ASN C 187 0.05 0.91 -14.55
C ASN C 187 0.98 -0.15 -14.00
N ARG C 188 0.50 -1.39 -13.97
CA ARG C 188 1.21 -2.48 -13.30
C ARG C 188 1.88 -3.46 -14.26
N VAL C 189 2.83 -4.23 -13.73
CA VAL C 189 3.42 -5.33 -14.45
C VAL C 189 2.51 -6.55 -14.29
N ALA C 190 2.32 -7.29 -15.37
CA ALA C 190 1.38 -8.41 -15.37
C ALA C 190 2.02 -9.69 -15.89
N ILE C 191 1.55 -10.83 -15.37
CA ILE C 191 1.96 -12.13 -15.83
C ILE C 191 0.73 -13.03 -15.98
N SER C 192 0.79 -13.97 -16.91
CA SER C 192 -0.32 -14.88 -17.13
C SER C 192 -0.56 -15.74 -15.90
N ARG C 193 -1.81 -16.09 -15.66
CA ARG C 193 -2.15 -16.96 -14.54
C ARG C 193 -1.56 -18.35 -14.73
N ASN C 194 -1.51 -18.77 -15.99
CA ASN C 194 -0.92 -20.07 -16.35
C ASN C 194 0.49 -19.89 -16.91
N ALA C 195 1.27 -19.01 -16.28
CA ALA C 195 2.63 -18.72 -16.72
C ALA C 195 3.59 -19.79 -16.21
N PRO C 196 4.77 -19.91 -16.84
CA PRO C 196 5.79 -20.83 -16.37
C PRO C 196 6.22 -20.56 -14.94
N GLU C 197 6.74 -21.57 -14.27
CA GLU C 197 7.18 -21.43 -12.88
C GLU C 197 8.28 -20.38 -12.76
N ILE C 198 9.21 -20.39 -13.71
CA ILE C 198 10.35 -19.48 -13.69
C ILE C 198 9.90 -18.02 -13.66
N VAL C 199 8.80 -17.73 -14.36
CA VAL C 199 8.27 -16.37 -14.43
C VAL C 199 7.51 -16.02 -13.15
N LYS C 200 6.82 -16.99 -12.58
CA LYS C 200 6.01 -16.77 -11.39
C LYS C 200 6.84 -16.39 -10.18
N ASN C 201 8.10 -16.83 -10.16
CA ASN C 201 8.98 -16.62 -9.01
C ASN C 201 9.85 -15.37 -9.12
N LEU C 202 9.71 -14.64 -10.22
CA LEU C 202 10.52 -13.44 -10.44
C LEU C 202 10.10 -12.29 -9.54
N ASN C 203 11.07 -11.45 -9.19
CA ASN C 203 10.80 -10.15 -8.58
C ASN C 203 10.77 -9.10 -9.68
N LEU C 204 9.59 -8.60 -10.00
CA LEU C 204 9.40 -7.69 -11.13
C LEU C 204 9.16 -6.24 -10.70
N ASP C 205 9.89 -5.80 -9.66
CA ASP C 205 9.80 -4.41 -9.23
C ASP C 205 10.68 -3.54 -10.12
N LEU C 206 10.22 -3.31 -11.35
CA LEU C 206 10.98 -2.54 -12.33
C LEU C 206 11.10 -1.07 -11.92
N PHE C 207 10.11 -0.55 -11.22
CA PHE C 207 10.10 0.85 -10.83
C PHE C 207 11.21 1.19 -9.85
N SER C 208 11.65 0.20 -9.08
CA SER C 208 12.69 0.41 -8.09
C SER C 208 14.02 0.78 -8.76
N TYR C 209 14.16 0.39 -10.01
CA TYR C 209 15.40 0.63 -10.75
C TYR C 209 15.49 2.07 -11.26
N LEU C 210 14.46 2.85 -11.00
CA LEU C 210 14.54 4.29 -11.18
C LEU C 210 15.15 4.88 -9.92
N MET C 211 16.36 5.41 -10.06
CA MET C 211 17.15 5.88 -8.92
C MET C 211 16.38 6.89 -8.08
N LYS C 212 16.31 6.65 -6.78
CA LYS C 212 15.75 7.61 -5.85
C LYS C 212 16.72 8.78 -5.73
N MET C 213 16.20 9.95 -5.34
CA MET C 213 17.03 11.14 -5.16
C MET C 213 18.17 10.84 -4.18
N PRO C 214 19.43 10.87 -4.66
CA PRO C 214 20.54 10.49 -3.79
C PRO C 214 20.79 11.48 -2.66
N GLU C 215 21.25 10.97 -1.51
CA GLU C 215 21.52 11.82 -0.36
C GLU C 215 22.84 12.58 -0.55
N LYS D 5 -15.76 34.48 4.37
CA LYS D 5 -15.00 33.25 4.63
C LYS D 5 -13.55 33.39 4.15
N ASP D 6 -12.76 32.35 4.40
CA ASP D 6 -11.32 32.38 4.12
C ASP D 6 -11.02 32.50 2.63
N ILE D 7 -9.92 33.18 2.32
CA ILE D 7 -9.44 33.32 0.95
C ILE D 7 -7.99 32.88 0.89
N PHE D 8 -7.66 32.03 -0.08
CA PHE D 8 -6.31 31.53 -0.23
C PHE D 8 -5.81 31.72 -1.66
N LYS D 9 -4.52 32.04 -1.77
CA LYS D 9 -3.88 32.25 -3.06
C LYS D 9 -3.09 31.01 -3.47
N PHE D 10 -3.30 30.57 -4.70
CA PHE D 10 -2.52 29.48 -5.29
C PHE D 10 -1.67 30.02 -6.42
N LYS D 11 -0.36 29.76 -6.36
CA LYS D 11 0.57 30.17 -7.41
C LYS D 11 1.01 28.95 -8.21
N LEU D 12 0.71 28.97 -9.51
CA LEU D 12 1.07 27.87 -10.39
C LEU D 12 2.33 28.23 -11.17
N VAL D 13 3.43 27.59 -10.79
CA VAL D 13 4.74 27.93 -11.32
C VAL D 13 5.04 27.18 -12.62
N ASP D 14 5.52 27.92 -13.61
CA ASP D 14 5.95 27.33 -14.88
C ASP D 14 4.81 26.53 -15.52
N GLN D 15 5.06 25.28 -15.88
CA GLN D 15 4.04 24.41 -16.44
C GLN D 15 4.20 23.01 -15.84
N PHE D 16 3.10 22.27 -15.80
CA PHE D 16 3.06 20.99 -15.12
C PHE D 16 1.97 20.12 -15.73
N PHE D 17 2.28 19.47 -16.84
CA PHE D 17 1.31 18.64 -17.55
C PHE D 17 0.93 17.44 -16.71
N PRO D 18 -0.36 17.09 -16.65
CA PRO D 18 -1.55 17.71 -17.26
C PRO D 18 -2.29 18.66 -16.32
N PHE D 19 -1.71 18.97 -15.16
CA PHE D 19 -2.38 19.79 -14.18
C PHE D 19 -2.56 21.23 -14.66
N TYR D 20 -1.53 21.78 -15.29
CA TYR D 20 -1.67 23.07 -15.96
C TYR D 20 -0.53 23.26 -16.96
N TYR D 21 -0.87 23.74 -18.14
CA TYR D 21 0.10 23.95 -19.20
C TYR D 21 -0.45 24.94 -20.23
N LYS D 22 0.44 25.54 -21.00
CA LYS D 22 0.07 26.57 -21.96
C LYS D 22 -0.28 25.98 -23.32
N ASN D 23 -1.42 26.40 -23.87
CA ASN D 23 -1.88 25.88 -25.16
C ASN D 23 -1.38 26.72 -26.32
N ASN D 24 -1.85 26.41 -27.53
CA ASN D 24 -1.45 27.13 -28.73
C ASN D 24 -1.85 28.60 -28.65
N LYS D 25 -3.00 28.86 -28.05
CA LYS D 25 -3.50 30.23 -27.90
C LYS D 25 -2.70 31.00 -26.84
N GLY D 26 -1.94 30.27 -26.03
CA GLY D 26 -1.14 30.88 -24.98
C GLY D 26 -1.85 30.87 -23.64
N GLU D 27 -3.08 30.35 -23.61
CA GLU D 27 -3.87 30.28 -22.39
C GLU D 27 -3.59 28.97 -21.65
N TYR D 28 -3.87 28.96 -20.35
CA TYR D 28 -3.60 27.80 -19.51
C TYR D 28 -4.80 26.85 -19.44
N GLU D 29 -4.53 25.57 -19.58
CA GLU D 29 -5.55 24.52 -19.43
C GLU D 29 -4.97 23.38 -18.59
N GLY D 30 -5.85 22.60 -17.97
CA GLY D 30 -5.41 21.47 -17.18
C GLY D 30 -6.40 21.06 -16.10
N LEU D 31 -6.03 20.04 -15.34
CA LEU D 31 -6.92 19.44 -14.34
C LEU D 31 -7.01 20.24 -13.05
N ILE D 32 -6.00 21.06 -12.78
CA ILE D 32 -5.85 21.65 -11.46
C ILE D 32 -7.00 22.57 -11.09
N PHE D 33 -7.58 23.24 -12.08
CA PHE D 33 -8.60 24.25 -11.81
C PHE D 33 -9.86 23.61 -11.25
N SER D 34 -10.22 22.46 -11.79
CA SER D 34 -11.36 21.71 -11.29
C SER D 34 -11.06 21.15 -9.90
N ILE D 35 -9.81 20.73 -9.69
CA ILE D 35 -9.39 20.18 -8.41
C ILE D 35 -9.42 21.24 -7.32
N LEU D 36 -8.92 22.44 -7.63
CA LEU D 36 -8.89 23.51 -6.64
C LEU D 36 -10.29 24.01 -6.31
N ASP D 37 -11.19 23.97 -7.28
CA ASP D 37 -12.58 24.35 -7.03
C ASP D 37 -13.25 23.36 -6.08
N LYS D 38 -12.85 22.10 -6.18
CA LYS D 38 -13.37 21.07 -5.29
C LYS D 38 -12.74 21.21 -3.90
N TRP D 39 -11.45 21.54 -3.88
CA TRP D 39 -10.75 21.77 -2.63
C TRP D 39 -11.34 22.99 -1.91
N ALA D 40 -11.66 24.02 -2.67
CA ALA D 40 -12.18 25.26 -2.12
C ALA D 40 -13.53 25.03 -1.44
N LYS D 41 -14.37 24.21 -2.06
CA LYS D 41 -15.68 23.91 -1.52
C LYS D 41 -15.57 23.11 -0.21
N ASP D 42 -14.67 22.12 -0.21
CA ASP D 42 -14.48 21.26 0.95
C ASP D 42 -13.90 22.01 2.14
N ASN D 43 -13.26 23.15 1.88
CA ASN D 43 -12.66 23.95 2.94
C ASN D 43 -13.46 25.21 3.26
N ASN D 44 -14.62 25.34 2.62
CA ASN D 44 -15.48 26.50 2.83
C ASN D 44 -14.72 27.80 2.60
N ALA D 45 -14.08 27.88 1.43
CA ALA D 45 -13.22 29.02 1.11
C ALA D 45 -13.34 29.42 -0.35
N ASP D 46 -12.96 30.66 -0.64
CA ASP D 46 -12.79 31.12 -2.01
C ASP D 46 -11.31 31.07 -2.35
N ILE D 47 -10.99 30.92 -3.63
CA ILE D 47 -9.59 30.77 -4.02
C ILE D 47 -9.20 31.73 -5.14
N MET D 48 -7.89 31.89 -5.29
CA MET D 48 -7.31 32.80 -6.27
C MET D 48 -6.10 32.13 -6.91
N VAL D 49 -6.19 31.90 -8.22
CA VAL D 49 -5.12 31.23 -8.95
C VAL D 49 -4.33 32.24 -9.78
N GLU D 50 -3.02 32.23 -9.59
CA GLU D 50 -2.12 33.09 -10.34
C GLU D 50 -1.02 32.26 -11.00
N HIS D 51 -0.88 32.41 -12.31
CA HIS D 51 0.21 31.75 -13.03
C HIS D 51 1.45 32.64 -13.00
N ILE D 52 2.59 32.04 -12.67
CA ILE D 52 3.87 32.72 -12.77
C ILE D 52 4.86 31.84 -13.52
N ASP D 53 5.45 32.37 -14.57
CA ASP D 53 6.40 31.62 -15.38
C ASP D 53 7.60 31.22 -14.55
N ASN D 54 8.16 32.20 -13.84
CA ASN D 54 9.38 32.01 -13.07
C ASN D 54 9.12 32.16 -11.58
N LEU D 55 10.08 31.71 -10.77
CA LEU D 55 10.01 31.88 -9.33
C LEU D 55 11.16 32.77 -8.85
N ASN D 56 10.86 34.04 -8.61
CA ASN D 56 11.83 34.98 -8.06
C ASN D 56 11.77 34.98 -6.54
N GLU D 57 12.93 34.82 -5.90
CA GLU D 57 13.00 34.70 -4.45
C GLU D 57 12.77 36.03 -3.72
N SER D 58 12.26 37.03 -4.44
CA SER D 58 11.94 38.33 -3.88
C SER D 58 10.45 38.61 -3.96
N GLU D 59 9.76 37.91 -4.87
CA GLU D 59 8.34 38.10 -5.07
C GLU D 59 7.51 37.01 -4.39
N ILE D 60 8.14 36.28 -3.49
CA ILE D 60 7.45 35.22 -2.76
C ILE D 60 6.40 35.79 -1.82
N GLU D 61 5.20 35.22 -1.86
CA GLU D 61 4.12 35.61 -0.96
C GLU D 61 3.96 34.53 0.10
N ASP D 62 4.26 34.88 1.35
CA ASP D 62 4.27 33.90 2.43
C ASP D 62 2.91 33.25 2.67
N GLU D 63 1.83 33.94 2.29
CA GLU D 63 0.49 33.39 2.51
C GLU D 63 0.05 32.50 1.34
N ALA D 64 0.84 32.47 0.28
CA ALA D 64 0.45 31.78 -0.95
C ALA D 64 0.91 30.33 -0.96
N ILE D 65 0.12 29.48 -1.60
CA ILE D 65 0.44 28.08 -1.76
C ILE D 65 1.00 27.87 -3.16
N TYR D 66 2.17 27.24 -3.24
CA TYR D 66 2.89 27.10 -4.50
C TYR D 66 2.87 25.68 -5.07
N LEU D 67 2.47 25.58 -6.32
CA LEU D 67 2.52 24.32 -7.05
C LEU D 67 3.56 24.39 -8.16
N GLY D 68 4.20 23.26 -8.46
CA GLY D 68 5.13 23.18 -9.58
C GLY D 68 6.59 23.32 -9.18
N LEU D 69 6.87 23.25 -7.89
CA LEU D 69 8.23 23.31 -7.39
C LEU D 69 8.75 21.92 -7.05
N THR D 70 10.07 21.79 -6.96
CA THR D 70 10.72 20.53 -6.62
C THR D 70 11.79 20.74 -5.57
N TYR D 71 12.19 19.65 -4.91
CA TYR D 71 13.20 19.70 -3.87
C TYR D 71 14.51 20.26 -4.44
N ASN D 72 14.87 21.47 -4.00
CA ASN D 72 16.07 22.15 -4.49
C ASN D 72 16.82 22.83 -3.34
N VAL D 73 18.14 22.81 -3.41
CA VAL D 73 18.98 23.32 -2.32
C VAL D 73 18.72 24.77 -1.98
N LYS D 74 18.45 25.59 -2.99
CA LYS D 74 18.20 27.02 -2.77
C LYS D 74 16.76 27.28 -2.35
N LEU D 75 15.84 26.49 -2.89
CA LEU D 75 14.41 26.70 -2.63
C LEU D 75 13.98 26.13 -1.27
N ASN D 76 14.69 25.10 -0.81
CA ASN D 76 14.38 24.49 0.48
C ASN D 76 14.60 25.46 1.64
N ASP D 77 15.33 26.55 1.38
CA ASP D 77 15.52 27.60 2.37
C ASP D 77 14.26 28.47 2.50
N PHE D 78 13.54 28.59 1.39
CA PHE D 78 12.34 29.44 1.33
C PHE D 78 11.07 28.64 1.58
N PHE D 79 11.03 27.42 1.07
CA PHE D 79 9.84 26.58 1.12
C PHE D 79 10.09 25.27 1.83
N TYR D 80 9.00 24.66 2.32
CA TYR D 80 9.03 23.24 2.68
C TYR D 80 7.76 22.60 2.12
N PHE D 81 7.82 21.30 1.88
CA PHE D 81 6.82 20.63 1.06
C PHE D 81 5.86 19.78 1.88
N LYS D 82 4.64 19.64 1.34
CA LYS D 82 3.60 18.83 1.97
C LYS D 82 3.20 17.69 1.03
N SER D 83 1.91 17.60 0.70
CA SER D 83 1.39 16.46 -0.05
C SER D 83 1.95 16.34 -1.45
N GLU D 84 2.05 15.09 -1.94
CA GLU D 84 2.46 14.81 -3.30
C GLU D 84 1.30 15.04 -4.27
N LEU D 85 1.60 15.62 -5.43
CA LEU D 85 0.60 15.82 -6.47
C LEU D 85 0.65 14.71 -7.51
N ALA D 86 1.85 14.40 -7.98
CA ALA D 86 2.04 13.39 -9.03
C ALA D 86 3.53 13.27 -9.30
N ARG D 87 4.00 12.06 -9.55
CA ARG D 87 5.41 11.85 -9.79
C ARG D 87 5.79 12.15 -11.23
N SER D 88 7.07 12.46 -11.44
CA SER D 88 7.63 12.63 -12.78
C SER D 88 8.90 11.79 -12.89
N ILE D 89 9.44 11.70 -14.10
CA ILE D 89 10.73 11.05 -14.33
C ILE D 89 11.67 12.04 -15.00
N SER D 90 12.87 12.18 -14.44
CA SER D 90 13.87 13.07 -15.02
C SER D 90 14.44 12.46 -16.29
N ILE D 91 14.43 13.23 -17.38
CA ILE D 91 14.94 12.76 -18.66
C ILE D 91 15.86 13.80 -19.28
N LEU D 92 16.95 13.33 -19.87
CA LEU D 92 17.85 14.17 -20.65
C LEU D 92 17.48 14.04 -22.13
N PHE D 93 16.95 15.12 -22.69
CA PHE D 93 16.53 15.16 -24.09
C PHE D 93 17.55 15.86 -25.00
N PHE D 94 17.59 15.42 -26.26
CA PHE D 94 18.28 16.17 -27.31
C PHE D 94 17.50 15.98 -28.60
N LYS D 95 17.73 16.85 -29.58
CA LYS D 95 16.99 16.77 -30.84
C LYS D 95 17.79 16.00 -31.89
N ASN D 96 17.07 15.29 -32.75
CA ASN D 96 17.69 14.50 -33.82
C ASN D 96 17.91 15.33 -35.08
N HIS D 105 27.78 13.04 -27.53
CA HIS D 105 28.89 12.32 -28.13
C HIS D 105 30.19 12.52 -27.36
N SER D 106 30.15 13.40 -26.36
CA SER D 106 31.33 13.69 -25.55
C SER D 106 31.74 12.49 -24.69
N THR D 107 30.86 11.50 -24.60
CA THR D 107 31.12 10.25 -23.86
C THR D 107 30.98 10.45 -22.35
N PHE D 108 31.51 11.56 -21.84
CA PHE D 108 31.40 11.89 -20.42
C PHE D 108 30.25 12.86 -20.17
N LEU D 109 29.34 12.48 -19.28
CA LEU D 109 28.18 13.30 -18.95
C LEU D 109 28.60 14.68 -18.46
N SER D 110 29.72 14.74 -17.75
CA SER D 110 30.18 15.99 -17.15
C SER D 110 30.57 17.03 -18.19
N ASN D 111 30.84 16.58 -19.41
CA ASN D 111 31.29 17.47 -20.48
C ASN D 111 30.15 17.91 -21.41
N PHE D 112 28.94 17.46 -21.13
CA PHE D 112 27.78 17.81 -21.94
C PHE D 112 27.34 19.24 -21.70
N ASN D 113 26.87 19.91 -22.75
CA ASN D 113 26.27 21.22 -22.64
C ASN D 113 24.77 21.09 -22.38
N ILE D 114 24.40 21.06 -21.10
CA ILE D 114 23.03 20.74 -20.70
C ILE D 114 22.27 21.97 -20.20
N GLY D 115 21.04 22.11 -20.67
CA GLY D 115 20.14 23.14 -20.18
C GLY D 115 19.24 22.60 -19.09
N VAL D 116 18.92 23.44 -18.10
CA VAL D 116 18.07 23.02 -17.00
C VAL D 116 17.38 24.24 -16.39
N ILE D 117 16.20 24.04 -15.83
CA ILE D 117 15.49 25.12 -15.16
C ILE D 117 16.17 25.39 -13.82
N LYS D 118 16.47 26.66 -13.58
CA LYS D 118 17.15 27.07 -12.35
C LYS D 118 16.35 26.67 -11.12
N ASN D 119 17.06 26.34 -10.05
CA ASN D 119 16.45 26.10 -8.74
C ASN D 119 15.41 24.97 -8.77
N THR D 120 15.75 23.90 -9.47
CA THR D 120 14.93 22.70 -9.48
C THR D 120 15.78 21.53 -8.99
N ILE D 121 15.14 20.40 -8.71
CA ILE D 121 15.87 19.20 -8.32
C ILE D 121 16.77 18.76 -9.47
N TYR D 122 16.35 19.06 -10.69
CA TYR D 122 17.09 18.67 -11.88
C TYR D 122 18.45 19.36 -11.95
N GLU D 123 18.49 20.62 -11.52
CA GLU D 123 19.76 21.35 -11.49
C GLU D 123 20.71 20.71 -10.50
N ASP D 124 20.20 20.39 -9.32
CA ASP D 124 21.02 19.80 -8.26
C ASP D 124 21.59 18.46 -8.68
N ILE D 125 20.80 17.69 -9.42
CA ILE D 125 21.24 16.39 -9.91
C ILE D 125 22.43 16.56 -10.86
N LEU D 126 22.33 17.54 -11.76
CA LEU D 126 23.40 17.80 -12.71
C LEU D 126 24.66 18.28 -12.01
N ARG D 127 24.51 19.11 -10.98
CA ARG D 127 25.66 19.61 -10.23
C ARG D 127 26.28 18.49 -9.41
N LEU D 128 25.45 17.58 -8.92
CA LEU D 128 25.94 16.42 -8.18
C LEU D 128 26.81 15.56 -9.08
N LYS D 129 26.45 15.49 -10.35
CA LYS D 129 27.22 14.72 -11.33
C LYS D 129 28.32 15.56 -11.98
N ASN D 130 28.59 16.72 -11.38
CA ASN D 130 29.73 17.56 -11.79
C ASN D 130 29.67 17.98 -13.25
N VAL D 131 28.48 18.30 -13.75
CA VAL D 131 28.34 18.82 -15.10
C VAL D 131 28.86 20.25 -15.15
N ASN D 132 29.89 20.48 -15.96
CA ASN D 132 30.52 21.79 -16.06
C ASN D 132 29.62 22.85 -16.68
N THR D 133 29.31 22.67 -17.97
CA THR D 133 28.53 23.65 -18.71
C THR D 133 27.03 23.44 -18.49
N ILE D 134 26.48 24.16 -17.52
CA ILE D 134 25.05 24.11 -17.22
C ILE D 134 24.39 25.44 -17.55
N PHE D 135 23.52 25.43 -18.55
CA PHE D 135 22.73 26.61 -18.89
C PHE D 135 21.48 26.66 -18.02
N LEU D 136 21.35 27.72 -17.23
CA LEU D 136 20.21 27.88 -16.34
C LEU D 136 19.10 28.68 -16.99
N ALA D 137 17.95 28.04 -17.19
CA ALA D 137 16.79 28.68 -17.78
C ALA D 137 15.80 29.08 -16.68
N ASP D 138 15.00 30.10 -16.96
CA ASP D 138 14.03 30.60 -15.99
C ASP D 138 12.75 29.75 -15.99
N ASN D 139 12.43 29.15 -17.13
CA ASN D 139 11.21 28.35 -17.27
C ASN D 139 11.32 27.34 -18.40
N SER D 140 10.31 26.49 -18.54
CA SER D 140 10.34 25.40 -19.51
C SER D 140 10.35 25.89 -20.95
N GLN D 141 9.61 26.96 -21.24
CA GLN D 141 9.57 27.51 -22.58
C GLN D 141 10.96 28.00 -22.98
N GLU D 142 11.60 28.72 -22.08
CA GLU D 142 12.94 29.25 -22.32
C GLU D 142 13.95 28.11 -22.46
N LEU D 143 13.76 27.05 -21.68
CA LEU D 143 14.65 25.91 -21.73
C LEU D 143 14.60 25.22 -23.09
N VAL D 144 13.39 24.93 -23.55
CA VAL D 144 13.21 24.27 -24.84
C VAL D 144 13.70 25.17 -25.98
N LEU D 145 13.51 26.47 -25.82
CA LEU D 145 13.96 27.43 -26.83
C LEU D 145 15.48 27.41 -26.95
N ALA D 146 16.16 27.23 -25.83
CA ALA D 146 17.61 27.14 -25.82
C ALA D 146 18.09 25.96 -26.65
N LEU D 147 17.34 24.86 -26.58
CA LEU D 147 17.65 23.67 -27.38
C LEU D 147 17.37 23.94 -28.86
N LYS D 148 16.26 24.60 -29.14
CA LYS D 148 15.89 24.98 -30.49
C LYS D 148 16.99 25.79 -31.16
N ASN D 149 17.49 26.81 -30.44
CA ASN D 149 18.50 27.70 -30.97
C ASN D 149 19.93 27.19 -30.76
N ASP D 150 20.06 25.93 -30.40
CA ASP D 150 21.36 25.28 -30.24
C ASP D 150 22.24 25.98 -29.21
N LYS D 151 21.63 26.69 -28.27
CA LYS D 151 22.39 27.27 -27.15
C LYS D 151 22.87 26.15 -26.22
N VAL D 152 22.13 25.06 -26.20
CA VAL D 152 22.52 23.87 -25.44
C VAL D 152 22.39 22.62 -26.31
N ASP D 153 23.13 21.58 -25.95
CA ASP D 153 23.11 20.32 -26.69
C ASP D 153 22.08 19.36 -26.11
N TYR D 154 21.78 19.53 -24.82
CA TYR D 154 20.78 18.72 -24.15
C TYR D 154 19.91 19.58 -23.24
N ILE D 155 18.74 19.07 -22.88
CA ILE D 155 17.94 19.67 -21.83
C ILE D 155 17.53 18.58 -20.85
N TYR D 156 17.43 18.94 -19.57
CA TYR D 156 17.17 18.00 -18.49
C TYR D 156 15.98 18.46 -17.65
N GLY D 157 15.00 17.58 -17.46
CA GLY D 157 13.87 17.92 -16.61
C GLY D 157 12.68 16.99 -16.73
N ASP D 158 11.51 17.56 -16.46
CA ASP D 158 10.24 16.83 -16.43
C ASP D 158 9.94 16.12 -17.74
N CYS D 159 9.67 14.83 -17.67
CA CYS D 159 9.48 14.02 -18.87
C CYS D 159 8.31 14.50 -19.72
N LYS D 160 7.16 14.71 -19.09
CA LYS D 160 5.94 15.04 -19.83
C LYS D 160 5.92 16.49 -20.28
N THR D 161 6.25 17.41 -19.38
CA THR D 161 6.11 18.83 -19.65
C THR D 161 7.05 19.31 -20.77
N LEU D 162 8.33 18.98 -20.65
CA LEU D 162 9.30 19.40 -21.66
C LEU D 162 8.98 18.79 -23.02
N HIS D 163 8.53 17.53 -23.01
CA HIS D 163 8.18 16.85 -24.24
C HIS D 163 6.99 17.54 -24.92
N TYR D 164 6.02 17.96 -24.11
CA TYR D 164 4.85 18.65 -24.63
C TYR D 164 5.21 19.98 -25.29
N ILE D 165 6.01 20.80 -24.61
CA ILE D 165 6.42 22.10 -25.13
C ILE D 165 7.25 21.95 -26.39
N ALA D 166 8.14 20.97 -26.39
CA ALA D 166 9.03 20.74 -27.53
C ALA D 166 8.24 20.43 -28.79
N ASN D 167 7.16 19.66 -28.65
CA ASN D 167 6.33 19.31 -29.80
C ASN D 167 5.58 20.51 -30.36
N ASN D 168 5.64 21.63 -29.65
CA ASN D 168 5.07 22.89 -30.11
C ASN D 168 6.13 23.91 -30.51
N PHE D 169 7.39 23.61 -30.17
CA PHE D 169 8.51 24.51 -30.43
C PHE D 169 9.46 23.96 -31.51
N LEU D 170 9.78 22.68 -31.41
CA LEU D 170 10.77 22.07 -32.29
C LEU D 170 10.15 21.48 -33.55
N SER D 171 10.94 21.43 -34.62
CA SER D 171 10.54 20.78 -35.87
C SER D 171 11.03 19.34 -35.86
N GLU D 172 12.17 19.12 -35.22
CA GLU D 172 12.72 17.77 -35.04
C GLU D 172 12.24 17.17 -33.73
N ASP D 173 11.99 15.86 -33.74
CA ASP D 173 11.47 15.18 -32.56
C ASP D 173 12.55 15.05 -31.49
N LEU D 174 12.15 15.06 -30.22
CA LEU D 174 13.08 14.89 -29.12
C LEU D 174 13.59 13.45 -29.07
N VAL D 175 14.83 13.28 -28.62
CA VAL D 175 15.43 11.97 -28.46
C VAL D 175 15.85 11.79 -26.99
N ILE D 176 15.48 10.66 -26.42
CA ILE D 176 15.84 10.35 -25.04
C ILE D 176 17.28 9.84 -24.98
N PHE D 177 18.10 10.47 -24.14
CA PHE D 177 19.46 10.02 -23.94
C PHE D 177 19.48 8.80 -23.02
N THR D 178 20.02 7.69 -23.52
CA THR D 178 20.09 6.46 -22.74
C THR D 178 21.30 6.47 -21.81
N GLY D 179 21.06 6.81 -20.55
CA GLY D 179 22.12 6.87 -19.57
C GLY D 179 21.58 6.81 -18.15
N ASP D 180 22.48 6.88 -17.18
CA ASP D 180 22.11 6.78 -15.77
C ASP D 180 21.61 8.12 -15.25
N VAL D 181 20.55 8.63 -15.85
CA VAL D 181 20.02 9.97 -15.51
C VAL D 181 18.54 9.94 -15.17
N PHE D 182 17.96 8.74 -15.12
CA PHE D 182 16.53 8.59 -14.90
C PHE D 182 16.21 8.47 -13.42
N TYR D 183 15.61 9.53 -12.87
CA TYR D 183 15.22 9.56 -11.46
C TYR D 183 13.72 9.74 -11.30
N SER D 184 13.15 9.05 -10.32
CA SER D 184 11.76 9.29 -9.94
C SER D 184 11.67 10.58 -9.12
N ILE D 185 10.87 11.52 -9.60
CA ILE D 185 10.78 12.86 -9.01
C ILE D 185 9.42 13.08 -8.38
N LYS D 186 9.42 13.58 -7.14
CA LYS D 186 8.18 13.94 -6.47
C LYS D 186 7.82 15.39 -6.74
N ASN D 187 6.56 15.62 -7.12
CA ASN D 187 6.02 16.96 -7.24
C ASN D 187 5.05 17.20 -6.09
N ARG D 188 5.50 17.96 -5.11
CA ARG D 188 4.72 18.20 -3.90
CA ARG D 188 4.72 18.21 -3.89
C ARG D 188 4.17 19.62 -3.85
N VAL D 189 3.18 19.84 -3.00
CA VAL D 189 2.65 21.17 -2.74
C VAL D 189 3.63 21.86 -1.80
N ALA D 190 3.84 23.16 -2.01
CA ALA D 190 4.80 23.91 -1.22
C ALA D 190 4.16 25.13 -0.58
N ILE D 191 4.62 25.47 0.62
CA ILE D 191 4.24 26.72 1.27
C ILE D 191 5.49 27.35 1.86
N SER D 192 5.42 28.66 2.11
CA SER D 192 6.56 29.37 2.68
C SER D 192 6.80 28.93 4.12
N ARG D 193 8.07 28.90 4.51
CA ARG D 193 8.43 28.61 5.88
C ARG D 193 7.91 29.68 6.83
N ASN D 194 7.64 30.87 6.28
CA ASN D 194 7.08 31.98 7.04
C ASN D 194 5.57 32.11 6.82
N ALA D 195 4.93 31.03 6.40
CA ALA D 195 3.50 31.07 6.14
C ALA D 195 2.72 31.31 7.43
N PRO D 196 1.55 31.97 7.33
CA PRO D 196 0.69 32.08 8.51
C PRO D 196 0.29 30.70 9.03
N GLU D 197 -0.11 30.64 10.31
CA GLU D 197 -0.46 29.36 10.91
C GLU D 197 -1.66 28.72 10.23
N ILE D 198 -2.59 29.54 9.74
CA ILE D 198 -3.79 29.03 9.10
C ILE D 198 -3.44 28.28 7.82
N VAL D 199 -2.42 28.75 7.11
CA VAL D 199 -1.95 28.09 5.89
C VAL D 199 -1.21 26.81 6.26
N LYS D 200 -0.37 26.90 7.27
CA LYS D 200 0.43 25.76 7.72
C LYS D 200 -0.44 24.60 8.16
N ASN D 201 -1.63 24.92 8.68
CA ASN D 201 -2.53 23.90 9.19
C ASN D 201 -3.59 23.45 8.17
N LEU D 202 -3.49 23.97 6.95
CA LEU D 202 -4.40 23.56 5.89
C LEU D 202 -4.14 22.11 5.50
N ASN D 203 -5.21 21.42 5.14
CA ASN D 203 -5.08 20.14 4.43
C ASN D 203 -4.94 20.44 2.95
N LEU D 204 -3.74 20.24 2.40
CA LEU D 204 -3.45 20.56 1.01
C LEU D 204 -3.23 19.29 0.20
N ASP D 205 -4.02 18.28 0.50
CA ASP D 205 -3.97 17.01 -0.23
C ASP D 205 -4.81 17.11 -1.49
N LEU D 206 -4.30 17.84 -2.48
CA LEU D 206 -5.02 18.03 -3.72
C LEU D 206 -5.19 16.72 -4.48
N PHE D 207 -4.21 15.83 -4.31
CA PHE D 207 -4.21 14.57 -5.04
C PHE D 207 -5.38 13.67 -4.65
N SER D 208 -5.89 13.86 -3.43
CA SER D 208 -6.97 13.02 -2.93
C SER D 208 -8.23 13.12 -3.79
N TYR D 209 -8.32 14.19 -4.60
CA TYR D 209 -9.45 14.36 -5.50
C TYR D 209 -9.28 13.58 -6.80
N LEU D 210 -8.28 12.70 -6.83
CA LEU D 210 -8.08 11.77 -7.94
C LEU D 210 -8.15 10.32 -7.47
N MET D 211 -8.42 10.12 -6.18
CA MET D 211 -8.46 8.79 -5.58
C MET D 211 -9.90 8.30 -5.39
N LYS D 212 -10.82 8.82 -6.20
CA LYS D 212 -12.23 8.46 -6.09
C LYS D 212 -12.57 7.25 -6.94
N MET D 213 -11.65 6.28 -7.02
CA MET D 213 -11.86 5.08 -7.81
C MET D 213 -13.08 4.30 -7.29
N PRO D 214 -14.02 3.95 -8.18
CA PRO D 214 -15.23 3.28 -7.70
C PRO D 214 -15.06 1.76 -7.50
N GLU D 215 -16.17 1.10 -7.19
CA GLU D 215 -16.18 -0.36 -7.02
C GLU D 215 -17.51 -0.95 -7.49
N NO3 E . -25.12 -18.58 24.08
O1 NO3 E . -26.11 -18.30 23.34
O2 NO3 E . -24.24 -19.40 23.69
O3 NO3 E . -25.01 -18.02 25.21
N NO3 F . -10.11 -16.11 24.78
O1 NO3 F . -11.31 -16.49 25.01
O2 NO3 F . -9.70 -16.03 23.59
O3 NO3 F . -9.35 -15.83 25.75
N NO3 G . 3.96 7.71 11.88
O1 NO3 G . 2.99 7.10 12.40
O2 NO3 G . 4.23 7.53 10.65
O3 NO3 G . 4.66 8.51 12.57
MG MG H . -6.04 -4.44 35.95
N NO3 I . 9.97 -19.08 1.97
O1 NO3 I . 8.80 -18.66 1.76
O2 NO3 I . 10.48 -19.94 1.20
O3 NO3 I . 10.64 -18.62 2.94
N NO3 J . 2.24 15.95 -26.33
O1 NO3 J . 1.88 15.36 -25.27
O2 NO3 J . 1.36 16.47 -27.09
O3 NO3 J . 3.46 16.01 -26.65
N NO3 K . -8.34 16.95 -36.79
O1 NO3 K . -9.41 16.28 -36.86
O2 NO3 K . -7.43 16.75 -37.65
O3 NO3 K . -8.17 17.80 -35.87
N NO3 L . 14.34 22.42 -34.30
O1 NO3 L . 14.43 21.29 -33.73
O2 NO3 L . 15.36 23.15 -34.43
O3 NO3 L . 13.21 22.82 -34.74
N NO3 M . -0.96 18.51 3.42
O1 NO3 M . -0.06 17.89 4.05
O2 NO3 M . -0.92 18.59 2.16
O3 NO3 M . -1.92 19.04 4.05
#